data_2ARY
#
_entry.id   2ARY
#
_cell.length_a   90.534
_cell.length_b   90.534
_cell.length_c   433.102
_cell.angle_alpha   90.00
_cell.angle_beta   90.00
_cell.angle_gamma   120.00
#
_symmetry.space_group_name_H-M   'P 61 2 2'
#
loop_
_entity.id
_entity.type
_entity.pdbx_description
1 polymer 'Calpain-1 catalytic subunit'
2 non-polymer 'CALCIUM ION'
3 non-polymer BETA-MERCAPTOETHANOL
4 water water
#
_entity_poly.entity_id   1
_entity_poly.type   'polypeptide(L)'
_entity_poly.pdbx_seq_one_letter_code
;MGSSHHHHHHSSGLVPRGSGRHENAIKYLGQDYEQLRVRCLQSGTLFRDEAFPPVPQSLGYKDLGPNSSKTYGIKWKRPT
ELLSNPQFIVDGATRTDICQGALGDCWLLAAIASLTLNDTLLHRVVPHGQSFQNGYAGIFHFQLWQFGEWVDVVVDDLLP
IKDGKLVFVHSAEGNEFWSALLEKAYAKVNGSYEALSGGSTSEGFEDFTGGVTEWYELRKAPSDLYQIILKALERGSLLG
CSIDISSVLDMEAITFKKLVKGHAYSVTGAKQVNYRGQVVSLIRMRNPWGEVEWTGAWSDSSSEWNNVDPYERDQLRVKM
EDGEFWMSFRDFMREFTRLEICNLTPDALKS
;
_entity_poly.pdbx_strand_id   A,B
#
# COMPACT_ATOMS: atom_id res chain seq x y z
N ASN A 24 -13.72 8.63 -43.94
CA ASN A 24 -12.53 9.29 -43.32
C ASN A 24 -11.43 8.29 -42.97
N ALA A 25 -11.76 7.33 -42.10
CA ALA A 25 -10.87 6.23 -41.76
C ALA A 25 -10.85 5.19 -42.89
N ILE A 26 -9.68 4.66 -43.17
CA ILE A 26 -9.53 3.60 -44.17
C ILE A 26 -10.34 2.38 -43.75
N LYS A 27 -10.92 1.70 -44.75
CA LYS A 27 -11.70 0.51 -44.51
C LYS A 27 -10.81 -0.70 -44.67
N TYR A 28 -10.63 -1.44 -43.58
CA TYR A 28 -9.88 -2.69 -43.60
C TYR A 28 -10.43 -3.60 -44.69
N LEU A 29 -9.56 -4.03 -45.61
CA LEU A 29 -9.93 -4.94 -46.71
C LEU A 29 -11.04 -4.40 -47.65
N GLY A 30 -11.29 -3.10 -47.61
CA GLY A 30 -12.31 -2.45 -48.44
C GLY A 30 -13.75 -2.68 -48.00
N GLN A 31 -13.93 -3.35 -46.86
CA GLN A 31 -15.26 -3.63 -46.31
C GLN A 31 -15.88 -2.39 -45.72
N ASP A 32 -17.10 -2.08 -46.18
CA ASP A 32 -17.80 -0.82 -45.84
C ASP A 32 -18.98 -1.11 -44.92
N TYR A 33 -18.85 -0.75 -43.65
CA TYR A 33 -19.84 -1.11 -42.61
C TYR A 33 -21.28 -0.70 -42.93
N GLU A 34 -21.50 0.60 -43.18
CA GLU A 34 -22.84 1.09 -43.45
C GLU A 34 -23.45 0.49 -44.72
N GLN A 35 -22.63 0.36 -45.74
CA GLN A 35 -23.03 -0.24 -47.01
C GLN A 35 -23.42 -1.71 -46.80
N LEU A 36 -22.62 -2.45 -46.05
CA LEU A 36 -22.94 -3.85 -45.72
C LEU A 36 -24.16 -4.00 -44.80
N ARG A 37 -24.33 -3.04 -43.90
CA ARG A 37 -25.43 -3.06 -42.95
C ARG A 37 -26.79 -2.92 -43.65
N VAL A 38 -26.92 -1.89 -44.51
CA VAL A 38 -28.19 -1.65 -45.22
C VAL A 38 -28.53 -2.76 -46.22
N ARG A 39 -27.51 -3.31 -46.88
CA ARG A 39 -27.69 -4.45 -47.78
C ARG A 39 -28.33 -5.64 -47.06
N CYS A 40 -27.85 -5.89 -45.85
CA CYS A 40 -28.38 -6.96 -45.00
C CYS A 40 -29.78 -6.67 -44.49
N LEU A 41 -30.02 -5.42 -44.08
CA LEU A 41 -31.32 -4.96 -43.62
C LEU A 41 -32.36 -5.11 -44.71
N GLN A 42 -32.04 -4.58 -45.90
CA GLN A 42 -32.95 -4.57 -47.03
C GLN A 42 -33.21 -5.96 -47.62
N SER A 43 -32.27 -6.89 -47.43
CA SER A 43 -32.52 -8.25 -47.85
C SER A 43 -33.02 -9.12 -46.70
N GLY A 44 -33.25 -8.51 -45.54
CA GLY A 44 -33.81 -9.19 -44.39
C GLY A 44 -32.93 -10.32 -43.88
N THR A 45 -31.62 -10.05 -43.85
CA THR A 45 -30.64 -11.08 -43.53
C THR A 45 -29.62 -10.65 -42.45
N LEU A 46 -28.89 -11.62 -41.90
CA LEU A 46 -27.75 -11.34 -41.02
C LEU A 46 -26.39 -11.51 -41.72
N PHE A 47 -25.54 -10.48 -41.56
CA PHE A 47 -24.15 -10.46 -42.07
C PHE A 47 -23.31 -11.68 -41.72
N ARG A 48 -22.62 -12.21 -42.74
CA ARG A 48 -21.65 -13.28 -42.53
C ARG A 48 -20.32 -12.87 -43.19
N ASP A 49 -19.32 -12.60 -42.36
CA ASP A 49 -18.04 -12.06 -42.82
C ASP A 49 -17.22 -13.08 -43.60
N GLU A 50 -17.00 -12.80 -44.89
CA GLU A 50 -16.18 -13.66 -45.76
C GLU A 50 -14.72 -13.55 -45.36
N ALA A 51 -14.34 -12.36 -44.87
CA ALA A 51 -12.95 -12.04 -44.53
C ALA A 51 -12.48 -12.70 -43.25
N PHE A 52 -13.41 -13.28 -42.49
CA PHE A 52 -13.06 -13.92 -41.21
C PHE A 52 -14.12 -14.97 -40.87
N PRO A 53 -14.12 -16.10 -41.60
CA PRO A 53 -15.21 -17.07 -41.45
C PRO A 53 -15.18 -17.77 -40.09
N PRO A 54 -16.37 -18.19 -39.60
CA PRO A 54 -16.55 -18.95 -38.36
C PRO A 54 -16.05 -20.38 -38.49
N VAL A 55 -14.74 -20.51 -38.48
CA VAL A 55 -14.09 -21.71 -38.95
C VAL A 55 -12.82 -21.98 -38.13
N PRO A 56 -12.42 -23.27 -37.98
CA PRO A 56 -11.26 -23.65 -37.15
C PRO A 56 -10.02 -22.77 -37.28
N GLN A 57 -9.71 -22.34 -38.51
CA GLN A 57 -8.51 -21.54 -38.79
C GLN A 57 -8.60 -20.14 -38.17
N SER A 58 -9.82 -19.68 -37.92
CA SER A 58 -10.02 -18.37 -37.30
C SER A 58 -9.74 -18.42 -35.80
N LEU A 59 -9.95 -19.59 -35.22
CA LEU A 59 -9.62 -19.86 -33.84
C LEU A 59 -8.12 -19.86 -33.63
N GLY A 60 -7.42 -20.74 -34.34
CA GLY A 60 -5.98 -20.83 -34.20
C GLY A 60 -5.29 -21.85 -35.07
N TYR A 61 -4.04 -22.17 -34.71
CA TYR A 61 -3.14 -22.96 -35.54
C TYR A 61 -2.28 -23.95 -34.77
N LYS A 62 -2.31 -23.90 -33.44
CA LYS A 62 -1.50 -24.78 -32.62
C LYS A 62 -2.23 -25.19 -31.35
N ASP A 63 -2.20 -24.34 -30.31
CA ASP A 63 -2.97 -24.58 -29.07
C ASP A 63 -4.46 -24.44 -29.32
N LEU A 64 -4.83 -23.55 -30.24
CA LEU A 64 -6.20 -23.42 -30.69
C LEU A 64 -6.34 -23.94 -32.14
N GLY A 65 -5.50 -24.91 -32.50
CA GLY A 65 -5.40 -25.42 -33.84
C GLY A 65 -6.43 -26.47 -34.21
N PRO A 66 -6.35 -26.98 -35.47
CA PRO A 66 -7.32 -27.95 -35.97
C PRO A 66 -7.41 -29.16 -35.05
N ASN A 67 -8.63 -29.51 -34.65
CA ASN A 67 -8.87 -30.68 -33.80
C ASN A 67 -8.30 -30.60 -32.36
N SER A 68 -7.81 -29.42 -31.96
CA SER A 68 -7.28 -29.23 -30.62
C SER A 68 -8.38 -29.51 -29.60
N SER A 69 -7.99 -30.08 -28.46
CA SER A 69 -8.94 -30.38 -27.37
C SER A 69 -9.48 -29.10 -26.75
N LYS A 70 -8.66 -28.05 -26.75
CA LYS A 70 -9.09 -26.71 -26.38
C LYS A 70 -10.25 -26.17 -27.22
N THR A 71 -10.27 -26.48 -28.52
CA THR A 71 -11.34 -25.98 -29.37
C THR A 71 -12.49 -26.97 -29.51
N TYR A 72 -12.36 -28.13 -28.89
CA TYR A 72 -13.41 -29.15 -28.97
C TYR A 72 -14.70 -28.65 -28.31
N GLY A 73 -15.80 -28.73 -29.04
CA GLY A 73 -17.10 -28.28 -28.53
C GLY A 73 -17.36 -26.79 -28.68
N ILE A 74 -16.46 -26.09 -29.39
CA ILE A 74 -16.69 -24.70 -29.72
C ILE A 74 -17.68 -24.58 -30.86
N LYS A 75 -18.64 -23.69 -30.72
CA LYS A 75 -19.56 -23.32 -31.78
C LYS A 75 -19.59 -21.82 -31.89
N TRP A 76 -19.90 -21.30 -33.06
CA TRP A 76 -19.93 -19.87 -33.27
C TRP A 76 -21.39 -19.41 -33.28
N LYS A 77 -21.74 -18.58 -32.30
CA LYS A 77 -23.11 -18.16 -32.10
C LYS A 77 -23.15 -16.66 -31.91
N ARG A 78 -24.18 -16.04 -32.46
CA ARG A 78 -24.43 -14.62 -32.25
C ARG A 78 -24.97 -14.41 -30.85
N PRO A 79 -24.73 -13.21 -30.26
CA PRO A 79 -25.31 -12.90 -28.94
C PRO A 79 -26.85 -12.97 -28.98
N THR A 80 -27.40 -12.57 -30.13
CA THR A 80 -28.83 -12.65 -30.39
C THR A 80 -29.35 -14.09 -30.51
N GLU A 81 -28.45 -15.07 -30.50
CA GLU A 81 -28.87 -16.46 -30.43
C GLU A 81 -28.81 -16.94 -29.01
N LEU A 82 -27.88 -16.36 -28.24
CA LEU A 82 -27.64 -16.77 -26.86
C LEU A 82 -28.68 -16.24 -25.91
N LEU A 83 -29.13 -15.02 -26.16
CA LEU A 83 -29.93 -14.25 -25.22
C LEU A 83 -31.03 -13.51 -25.97
N SER A 84 -32.08 -13.14 -25.23
CA SER A 84 -33.15 -12.33 -25.78
C SER A 84 -32.85 -10.84 -25.60
N ASN A 85 -31.92 -10.53 -24.70
CA ASN A 85 -31.58 -9.14 -24.42
C ASN A 85 -30.10 -8.75 -24.56
N PRO A 86 -29.44 -9.17 -25.67
CA PRO A 86 -28.01 -8.84 -25.78
C PRO A 86 -27.81 -7.32 -25.87
N GLN A 87 -26.75 -6.84 -25.23
CA GLN A 87 -26.42 -5.42 -25.26
C GLN A 87 -25.01 -5.22 -25.80
N PHE A 88 -24.82 -4.16 -26.58
CA PHE A 88 -23.49 -3.74 -26.97
C PHE A 88 -22.76 -3.16 -25.74
N ILE A 89 -23.29 -2.09 -25.17
CA ILE A 89 -22.70 -1.47 -23.97
C ILE A 89 -23.72 -1.40 -22.83
N VAL A 90 -23.27 -1.83 -21.64
CA VAL A 90 -24.08 -1.80 -20.41
C VAL A 90 -23.32 -1.04 -19.34
N ASP A 91 -23.90 0.07 -18.86
CA ASP A 91 -23.26 0.97 -17.88
C ASP A 91 -21.85 1.39 -18.30
N GLY A 92 -21.74 1.80 -19.56
CA GLY A 92 -20.47 2.27 -20.10
C GLY A 92 -19.57 1.13 -20.53
N ALA A 93 -18.66 1.46 -21.46
CA ALA A 93 -17.57 0.57 -21.85
C ALA A 93 -16.40 0.82 -20.89
N THR A 94 -16.25 -0.03 -19.88
CA THR A 94 -15.28 0.18 -18.80
C THR A 94 -14.39 -1.03 -18.59
N ARG A 95 -13.32 -0.84 -17.82
CA ARG A 95 -12.33 -1.87 -17.53
C ARG A 95 -12.93 -3.13 -16.89
N THR A 96 -14.06 -2.99 -16.17
CA THR A 96 -14.73 -4.15 -15.55
C THR A 96 -15.30 -5.10 -16.62
N ASP A 97 -15.43 -4.60 -17.85
CA ASP A 97 -15.97 -5.35 -18.97
C ASP A 97 -14.92 -6.23 -19.66
N ILE A 98 -13.70 -6.26 -19.14
CA ILE A 98 -12.58 -6.99 -19.76
C ILE A 98 -12.12 -8.17 -18.90
N CYS A 99 -12.69 -9.34 -19.16
CA CYS A 99 -12.29 -10.54 -18.44
C CYS A 99 -11.75 -11.60 -19.38
N GLN A 100 -10.45 -11.82 -19.30
CA GLN A 100 -9.72 -12.77 -20.14
C GLN A 100 -10.35 -14.15 -20.16
N GLY A 101 -10.51 -14.71 -21.35
CA GLY A 101 -10.97 -16.08 -21.51
C GLY A 101 -9.82 -17.07 -21.69
N ALA A 102 -10.07 -18.12 -22.45
CA ALA A 102 -9.10 -19.22 -22.62
C ALA A 102 -8.15 -18.93 -23.78
N LEU A 103 -7.45 -17.79 -23.67
CA LEU A 103 -6.54 -17.30 -24.69
C LEU A 103 -5.51 -16.41 -24.04
N GLY A 104 -4.23 -16.62 -24.36
CA GLY A 104 -3.16 -15.88 -23.70
C GLY A 104 -2.96 -14.49 -24.25
N ASP A 105 -4.04 -13.71 -24.39
CA ASP A 105 -3.94 -12.35 -24.92
C ASP A 105 -3.98 -11.26 -23.85
N CYS A 106 -3.27 -11.51 -22.75
CA CYS A 106 -3.25 -10.63 -21.59
C CYS A 106 -2.70 -9.23 -21.87
N TRP A 107 -1.72 -9.11 -22.76
CA TRP A 107 -1.18 -7.79 -23.09
C TRP A 107 -2.21 -6.93 -23.82
N LEU A 108 -2.88 -7.53 -24.81
CA LEU A 108 -3.91 -6.82 -25.56
C LEU A 108 -5.10 -6.44 -24.65
N LEU A 109 -5.55 -7.39 -23.84
CA LEU A 109 -6.66 -7.16 -22.93
C LEU A 109 -6.34 -6.10 -21.87
N ALA A 110 -5.08 -6.10 -21.38
CA ALA A 110 -4.62 -5.06 -20.46
C ALA A 110 -4.63 -3.68 -21.12
N ALA A 111 -4.20 -3.63 -22.39
CA ALA A 111 -4.18 -2.37 -23.15
C ALA A 111 -5.61 -1.85 -23.41
N ILE A 112 -6.53 -2.75 -23.70
CA ILE A 112 -7.94 -2.38 -23.89
C ILE A 112 -8.55 -1.84 -22.57
N ALA A 113 -8.26 -2.51 -21.46
CA ALA A 113 -8.66 -2.02 -20.15
C ALA A 113 -8.10 -0.61 -19.88
N SER A 114 -6.81 -0.39 -20.18
CA SER A 114 -6.22 0.96 -20.05
C SER A 114 -6.84 1.97 -21.03
N LEU A 115 -7.24 1.48 -22.20
CA LEU A 115 -7.81 2.35 -23.23
C LEU A 115 -9.17 2.93 -22.80
N THR A 116 -9.92 2.17 -22.00
CA THR A 116 -11.23 2.65 -21.52
C THR A 116 -11.10 3.90 -20.65
N LEU A 117 -9.96 4.05 -19.98
CA LEU A 117 -9.68 5.24 -19.15
C LEU A 117 -9.45 6.50 -19.96
N ASN A 118 -9.30 6.36 -21.27
CA ASN A 118 -9.03 7.49 -22.13
C ASN A 118 -10.27 7.76 -22.98
N ASP A 119 -11.05 8.74 -22.55
CA ASP A 119 -12.40 8.91 -23.06
C ASP A 119 -12.46 9.15 -24.56
N THR A 120 -11.58 10.01 -25.09
CA THR A 120 -11.65 10.32 -26.52
C THR A 120 -11.16 9.15 -27.38
N LEU A 121 -10.10 8.49 -26.93
CA LEU A 121 -9.56 7.32 -27.61
C LEU A 121 -10.53 6.15 -27.60
N LEU A 122 -11.16 5.91 -26.44
CA LEU A 122 -12.22 4.90 -26.33
C LEU A 122 -13.35 5.12 -27.35
N HIS A 123 -13.74 6.38 -27.53
CA HIS A 123 -14.85 6.72 -28.42
C HIS A 123 -14.44 6.69 -29.91
N ARG A 124 -13.14 6.60 -30.16
CA ARG A 124 -12.60 6.28 -31.48
C ARG A 124 -12.72 4.78 -31.73
N VAL A 125 -12.06 4.02 -30.88
CA VAL A 125 -11.96 2.58 -31.04
C VAL A 125 -13.32 1.88 -30.99
N VAL A 126 -14.16 2.26 -30.04
CA VAL A 126 -15.48 1.67 -29.87
C VAL A 126 -16.53 2.71 -30.27
N PRO A 127 -17.03 2.65 -31.52
CA PRO A 127 -18.13 3.53 -31.92
C PRO A 127 -19.35 3.21 -31.07
N HIS A 128 -19.82 4.19 -30.31
CA HIS A 128 -20.82 3.96 -29.26
C HIS A 128 -22.27 3.84 -29.74
N GLY A 129 -22.53 4.32 -30.95
CA GLY A 129 -23.88 4.27 -31.50
C GLY A 129 -24.54 2.90 -31.60
N GLN A 130 -23.71 1.86 -31.68
CA GLN A 130 -24.16 0.52 -32.07
C GLN A 130 -24.97 -0.24 -31.02
N SER A 131 -25.95 -1.00 -31.48
CA SER A 131 -26.73 -1.85 -30.58
C SER A 131 -27.30 -3.09 -31.27
N PHE A 132 -27.99 -3.90 -30.49
CA PHE A 132 -28.71 -5.05 -31.00
C PHE A 132 -30.19 -4.73 -31.26
N GLN A 133 -30.66 -3.56 -30.86
CA GLN A 133 -32.09 -3.22 -30.98
C GLN A 133 -32.46 -2.71 -32.36
N ASN A 134 -32.16 -1.44 -32.64
CA ASN A 134 -32.65 -0.83 -33.88
C ASN A 134 -31.72 -1.12 -35.03
N GLY A 135 -32.29 -1.61 -36.13
CA GLY A 135 -31.54 -1.89 -37.36
C GLY A 135 -30.41 -2.89 -37.18
N TYR A 136 -30.74 -4.05 -36.63
CA TYR A 136 -29.77 -5.11 -36.39
C TYR A 136 -29.58 -5.99 -37.62
N ALA A 137 -28.32 -6.14 -38.02
CA ALA A 137 -27.97 -6.94 -39.20
C ALA A 137 -26.80 -7.88 -38.94
N GLY A 138 -26.49 -8.13 -37.66
CA GLY A 138 -25.47 -9.09 -37.30
C GLY A 138 -24.06 -8.62 -37.59
N ILE A 139 -23.88 -7.30 -37.62
CA ILE A 139 -22.62 -6.68 -38.00
C ILE A 139 -22.28 -5.49 -37.06
N PHE A 140 -20.99 -5.38 -36.73
CA PHE A 140 -20.45 -4.30 -35.89
C PHE A 140 -19.11 -3.84 -36.47
N HIS A 141 -18.67 -2.67 -36.06
CA HIS A 141 -17.38 -2.15 -36.50
C HIS A 141 -16.58 -1.43 -35.39
N PHE A 142 -15.27 -1.37 -35.62
CA PHE A 142 -14.35 -0.77 -34.67
C PHE A 142 -13.23 -0.07 -35.44
N GLN A 143 -12.68 0.97 -34.82
CA GLN A 143 -11.55 1.67 -35.40
C GLN A 143 -10.25 1.23 -34.72
N LEU A 144 -9.44 0.46 -35.43
CA LEU A 144 -8.19 -0.11 -34.90
C LEU A 144 -6.97 0.62 -35.45
N TRP A 145 -5.94 0.73 -34.62
CA TRP A 145 -4.68 1.33 -35.06
C TRP A 145 -3.87 0.27 -35.79
N GLN A 146 -3.75 0.43 -37.10
CA GLN A 146 -3.18 -0.60 -37.96
C GLN A 146 -2.54 0.09 -39.14
N PHE A 147 -1.35 -0.38 -39.53
CA PHE A 147 -0.56 0.21 -40.63
C PHE A 147 -0.17 1.68 -40.35
N GLY A 148 -0.15 2.05 -39.07
CA GLY A 148 0.20 3.40 -38.67
C GLY A 148 -0.90 4.42 -38.90
N GLU A 149 -2.14 3.97 -38.92
CA GLU A 149 -3.32 4.86 -39.00
C GLU A 149 -4.60 4.21 -38.46
N TRP A 150 -5.64 5.02 -38.29
CA TRP A 150 -6.96 4.51 -37.91
C TRP A 150 -7.66 3.76 -39.03
N VAL A 151 -8.05 2.53 -38.73
CA VAL A 151 -8.63 1.62 -39.72
C VAL A 151 -9.96 1.07 -39.22
N ASP A 152 -11.02 1.28 -39.99
CA ASP A 152 -12.34 0.76 -39.65
C ASP A 152 -12.44 -0.72 -40.03
N VAL A 153 -12.75 -1.56 -39.04
CA VAL A 153 -12.80 -2.99 -39.19
C VAL A 153 -14.20 -3.48 -38.87
N VAL A 154 -14.85 -4.17 -39.82
CA VAL A 154 -16.14 -4.79 -39.56
C VAL A 154 -15.95 -6.22 -39.05
N VAL A 155 -16.93 -6.70 -38.27
CA VAL A 155 -17.01 -8.09 -37.84
C VAL A 155 -18.49 -8.46 -37.90
N ASP A 156 -18.77 -9.72 -38.20
CA ASP A 156 -20.08 -10.26 -37.87
C ASP A 156 -20.05 -10.68 -36.38
N ASP A 157 -21.22 -10.84 -35.75
CA ASP A 157 -21.26 -11.02 -34.31
C ASP A 157 -21.27 -12.49 -33.84
N LEU A 158 -20.93 -13.39 -34.76
CA LEU A 158 -20.70 -14.78 -34.40
C LEU A 158 -19.46 -14.87 -33.53
N LEU A 159 -19.59 -15.51 -32.38
CA LEU A 159 -18.52 -15.56 -31.40
C LEU A 159 -18.35 -16.97 -30.92
N PRO A 160 -17.10 -17.37 -30.63
CA PRO A 160 -16.91 -18.72 -30.10
C PRO A 160 -17.54 -18.92 -28.73
N ILE A 161 -18.38 -19.95 -28.64
CA ILE A 161 -19.09 -20.33 -27.43
C ILE A 161 -18.72 -21.79 -27.07
N LYS A 162 -18.56 -22.03 -25.79
CA LYS A 162 -18.33 -23.36 -25.26
C LYS A 162 -19.11 -23.47 -23.95
N ASP A 163 -19.90 -24.54 -23.80
CA ASP A 163 -20.74 -24.79 -22.60
C ASP A 163 -21.71 -23.63 -22.31
N GLY A 164 -22.18 -22.96 -23.36
CA GLY A 164 -23.13 -21.86 -23.22
C GLY A 164 -22.50 -20.50 -22.89
N LYS A 165 -21.17 -20.46 -22.84
CA LYS A 165 -20.45 -19.23 -22.49
C LYS A 165 -19.40 -18.87 -23.53
N LEU A 166 -19.10 -17.58 -23.62
CA LEU A 166 -17.95 -17.10 -24.39
C LEU A 166 -16.68 -17.83 -23.98
N VAL A 167 -15.82 -18.09 -24.96
CA VAL A 167 -14.57 -18.82 -24.72
C VAL A 167 -13.46 -17.82 -24.41
N PHE A 168 -13.49 -16.67 -25.09
CA PHE A 168 -12.45 -15.68 -24.91
C PHE A 168 -12.92 -14.52 -24.03
N VAL A 169 -12.56 -13.29 -24.33
CA VAL A 169 -12.95 -12.20 -23.44
C VAL A 169 -14.47 -12.14 -23.21
N HIS A 170 -14.84 -11.89 -21.96
CA HIS A 170 -16.21 -11.63 -21.56
C HIS A 170 -16.25 -10.41 -20.63
N SER A 171 -17.43 -9.81 -20.50
CA SER A 171 -17.66 -8.75 -19.54
C SER A 171 -18.20 -9.37 -18.25
N ALA A 172 -17.98 -8.70 -17.13
CA ALA A 172 -18.62 -9.12 -15.87
C ALA A 172 -20.15 -9.09 -16.01
N GLU A 173 -20.67 -8.17 -16.81
CA GLU A 173 -22.07 -8.16 -17.21
C GLU A 173 -22.32 -9.16 -18.36
N GLY A 174 -23.07 -10.22 -18.06
CA GLY A 174 -23.22 -11.36 -18.96
C GLY A 174 -23.88 -11.11 -20.30
N ASN A 175 -24.64 -10.03 -20.39
CA ASN A 175 -25.35 -9.71 -21.62
C ASN A 175 -24.73 -8.56 -22.41
N GLU A 176 -23.48 -8.20 -22.04
CA GLU A 176 -22.70 -7.15 -22.69
C GLU A 176 -21.64 -7.69 -23.67
N PHE A 177 -21.53 -7.09 -24.86
CA PHE A 177 -20.76 -7.73 -25.95
C PHE A 177 -19.72 -6.87 -26.65
N TRP A 178 -19.63 -5.58 -26.32
CA TRP A 178 -18.65 -4.72 -26.99
C TRP A 178 -17.21 -5.28 -26.93
N SER A 179 -16.79 -5.81 -25.78
CA SER A 179 -15.40 -6.20 -25.61
C SER A 179 -15.08 -7.53 -26.33
N ALA A 180 -16.06 -8.43 -26.35
CA ALA A 180 -15.96 -9.72 -27.03
C ALA A 180 -15.79 -9.47 -28.53
N LEU A 181 -16.65 -8.57 -29.02
CA LEU A 181 -16.60 -8.09 -30.39
C LEU A 181 -15.32 -7.32 -30.69
N LEU A 182 -14.85 -6.50 -29.76
CA LEU A 182 -13.57 -5.77 -29.99
C LEU A 182 -12.39 -6.73 -30.11
N GLU A 183 -12.30 -7.69 -29.18
CA GLU A 183 -11.30 -8.75 -29.27
C GLU A 183 -11.39 -9.51 -30.58
N LYS A 184 -12.61 -9.77 -31.05
CA LYS A 184 -12.85 -10.40 -32.37
C LYS A 184 -12.26 -9.60 -33.54
N ALA A 185 -12.41 -8.28 -33.51
CA ALA A 185 -11.84 -7.42 -34.53
C ALA A 185 -10.31 -7.52 -34.54
N TYR A 186 -9.71 -7.63 -33.36
CA TYR A 186 -8.26 -7.80 -33.27
C TYR A 186 -7.84 -9.15 -33.81
N ALA A 187 -8.58 -10.20 -33.42
CA ALA A 187 -8.34 -11.54 -33.97
C ALA A 187 -8.39 -11.49 -35.50
N LYS A 188 -9.36 -10.74 -36.02
CA LYS A 188 -9.57 -10.62 -37.44
C LYS A 188 -8.35 -10.05 -38.18
N VAL A 189 -7.80 -8.94 -37.68
CA VAL A 189 -6.70 -8.26 -38.37
C VAL A 189 -5.38 -9.02 -38.22
N ASN A 190 -5.34 -9.99 -37.31
CA ASN A 190 -4.18 -10.85 -37.10
C ASN A 190 -4.39 -12.26 -37.69
N GLY A 191 -5.56 -12.47 -38.29
CA GLY A 191 -5.86 -13.72 -38.97
C GLY A 191 -6.40 -14.84 -38.12
N SER A 192 -6.28 -14.72 -36.80
CA SER A 192 -6.82 -15.74 -35.88
C SER A 192 -6.84 -15.24 -34.43
N TYR A 193 -7.55 -15.95 -33.56
CA TYR A 193 -7.53 -15.65 -32.13
C TYR A 193 -6.18 -16.00 -31.50
N GLU A 194 -5.66 -17.21 -31.82
CA GLU A 194 -4.35 -17.67 -31.31
C GLU A 194 -3.24 -16.69 -31.62
N ALA A 195 -3.35 -16.01 -32.76
CA ALA A 195 -2.39 -14.96 -33.13
C ALA A 195 -2.34 -13.80 -32.13
N LEU A 196 -3.38 -13.66 -31.30
CA LEU A 196 -3.37 -12.63 -30.24
C LEU A 196 -2.61 -13.08 -28.99
N SER A 197 -2.35 -14.38 -28.91
CA SER A 197 -1.68 -14.98 -27.76
C SER A 197 -0.18 -14.68 -27.73
N GLY A 198 0.48 -15.03 -26.62
CA GLY A 198 1.91 -14.80 -26.51
C GLY A 198 2.34 -14.34 -25.13
N GLY A 199 3.22 -13.32 -25.10
CA GLY A 199 3.78 -12.80 -23.86
C GLY A 199 3.08 -11.56 -23.34
N SER A 200 3.51 -11.12 -22.16
CA SER A 200 2.94 -9.95 -21.45
C SER A 200 3.49 -8.61 -21.95
N THR A 201 4.49 -8.70 -22.83
CA THR A 201 5.13 -7.55 -23.47
C THR A 201 4.58 -7.43 -24.89
N SER A 202 4.92 -6.33 -25.57
CA SER A 202 4.55 -6.13 -26.98
C SER A 202 5.35 -7.02 -27.94
N GLU A 203 5.55 -8.28 -27.56
CA GLU A 203 6.22 -9.27 -28.41
C GLU A 203 5.38 -9.65 -29.62
N GLY A 204 5.87 -9.28 -30.81
CA GLY A 204 5.20 -9.64 -32.06
C GLY A 204 3.88 -8.92 -32.29
N PHE A 205 3.59 -7.96 -31.40
CA PHE A 205 2.42 -7.11 -31.53
C PHE A 205 2.87 -5.75 -32.06
N GLU A 206 2.31 -5.36 -33.20
CA GLU A 206 2.63 -4.07 -33.82
C GLU A 206 2.12 -2.94 -32.96
N ASP A 207 2.41 -1.70 -33.36
CA ASP A 207 1.91 -0.51 -32.67
C ASP A 207 0.45 -0.68 -32.26
N PHE A 208 0.20 -0.54 -30.96
CA PHE A 208 -1.17 -0.47 -30.45
C PHE A 208 -1.59 0.99 -30.49
N THR A 209 -0.62 1.87 -30.35
CA THR A 209 -0.88 3.29 -30.12
C THR A 209 -0.27 4.23 -31.17
N GLY A 210 0.90 3.86 -31.70
CA GLY A 210 1.57 4.69 -32.70
C GLY A 210 2.63 5.66 -32.18
N GLY A 211 2.39 6.26 -31.02
CA GLY A 211 3.37 7.14 -30.38
C GLY A 211 4.57 6.36 -29.88
N VAL A 212 5.47 7.03 -29.17
CA VAL A 212 6.62 6.33 -28.59
C VAL A 212 6.25 5.46 -27.40
N THR A 213 6.84 4.27 -27.35
CA THR A 213 6.72 3.41 -26.18
C THR A 213 7.90 3.63 -25.22
N GLU A 214 7.60 3.92 -23.96
CA GLU A 214 8.62 3.99 -22.91
C GLU A 214 8.72 2.65 -22.16
N TRP A 215 9.96 2.28 -21.84
CA TRP A 215 10.19 1.06 -21.09
C TRP A 215 11.04 1.36 -19.86
N TYR A 216 10.62 0.82 -18.73
CA TYR A 216 11.35 0.99 -17.47
C TYR A 216 11.56 -0.34 -16.77
N GLU A 217 12.80 -0.61 -16.38
CA GLU A 217 13.09 -1.69 -15.45
C GLU A 217 12.96 -1.06 -14.08
N LEU A 218 12.11 -1.64 -13.23
CA LEU A 218 11.66 -0.93 -12.04
C LEU A 218 12.73 -0.75 -10.94
N ARG A 219 13.62 -1.74 -10.79
CA ARG A 219 14.77 -1.62 -9.88
C ARG A 219 15.76 -0.51 -10.24
N LYS A 220 15.82 -0.13 -11.51
CA LYS A 220 16.80 0.84 -12.00
C LYS A 220 16.11 2.03 -12.69
N ALA A 221 14.94 2.37 -12.16
CA ALA A 221 14.08 3.42 -12.72
C ALA A 221 14.63 4.83 -12.43
N PRO A 222 14.21 5.84 -13.21
CA PRO A 222 14.58 7.21 -12.85
C PRO A 222 13.98 7.56 -11.51
N SER A 223 14.63 8.46 -10.77
CA SER A 223 14.16 8.79 -9.42
C SER A 223 12.76 9.40 -9.43
N ASP A 224 12.38 10.03 -10.54
CA ASP A 224 11.05 10.62 -10.68
C ASP A 224 10.00 9.75 -11.40
N LEU A 225 10.17 8.43 -11.36
CA LEU A 225 9.25 7.52 -12.02
C LEU A 225 7.79 7.70 -11.61
N TYR A 226 7.53 7.83 -10.31
CA TYR A 226 6.15 8.03 -9.85
C TYR A 226 5.49 9.20 -10.59
N GLN A 227 6.20 10.33 -10.69
CA GLN A 227 5.70 11.50 -11.41
C GLN A 227 5.55 11.22 -12.89
N ILE A 228 6.40 10.35 -13.43
CA ILE A 228 6.29 9.99 -14.85
C ILE A 228 4.97 9.26 -15.08
N ILE A 229 4.72 8.23 -14.26
CA ILE A 229 3.50 7.44 -14.28
C ILE A 229 2.25 8.31 -14.17
N LEU A 230 2.30 9.24 -13.22
CA LEU A 230 1.20 10.11 -12.91
C LEU A 230 0.84 10.99 -14.12
N LYS A 231 1.86 11.51 -14.78
CA LYS A 231 1.64 12.43 -15.89
C LYS A 231 1.21 11.68 -17.16
N ALA A 232 1.62 10.42 -17.27
CA ALA A 232 1.24 9.57 -18.38
C ALA A 232 -0.24 9.25 -18.30
N LEU A 233 -0.69 8.86 -17.11
CA LEU A 233 -2.11 8.63 -16.83
C LEU A 233 -2.98 9.87 -17.08
N GLU A 234 -2.49 11.02 -16.64
CA GLU A 234 -3.24 12.26 -16.78
C GLU A 234 -3.48 12.60 -18.26
N ARG A 235 -2.45 12.42 -19.09
CA ARG A 235 -2.56 12.70 -20.53
C ARG A 235 -3.18 11.56 -21.37
N GLY A 236 -3.51 10.44 -20.72
CA GLY A 236 -4.25 9.37 -21.38
C GLY A 236 -3.41 8.31 -22.07
N SER A 237 -2.12 8.24 -21.74
CA SER A 237 -1.26 7.15 -22.21
C SER A 237 -1.72 5.84 -21.60
N LEU A 238 -1.26 4.74 -22.19
CA LEU A 238 -1.63 3.42 -21.71
C LEU A 238 -0.43 2.79 -20.98
N LEU A 239 -0.65 2.36 -19.74
CA LEU A 239 0.41 1.79 -18.91
C LEU A 239 0.13 0.34 -18.57
N GLY A 240 1.15 -0.49 -18.71
CA GLY A 240 1.08 -1.88 -18.35
C GLY A 240 2.35 -2.31 -17.64
N CYS A 241 2.26 -3.39 -16.87
CA CYS A 241 3.39 -3.87 -16.11
C CYS A 241 3.33 -5.39 -15.99
N SER A 242 4.46 -6.00 -15.67
CA SER A 242 4.52 -7.45 -15.57
C SER A 242 5.72 -7.90 -14.75
N ILE A 243 5.65 -9.13 -14.27
CA ILE A 243 6.77 -9.81 -13.62
C ILE A 243 7.36 -10.82 -14.61
N ASP A 244 8.68 -10.75 -14.80
CA ASP A 244 9.39 -11.64 -15.74
C ASP A 244 9.58 -13.09 -15.28
N ILE A 245 9.76 -13.97 -16.25
CA ILE A 245 10.03 -15.40 -16.04
C ILE A 245 11.14 -15.88 -17.00
N SER A 246 11.71 -17.05 -16.71
CA SER A 246 12.74 -17.64 -17.57
C SER A 246 12.25 -18.94 -18.23
N SER A 247 11.81 -19.90 -17.42
CA SER A 247 11.27 -21.16 -17.95
C SER A 247 9.73 -21.14 -18.04
N VAL A 248 9.17 -22.15 -18.71
CA VAL A 248 7.71 -22.27 -18.86
C VAL A 248 7.06 -23.10 -17.75
N LEU A 249 7.88 -23.60 -16.82
CA LEU A 249 7.39 -24.31 -15.64
C LEU A 249 6.89 -23.32 -14.57
N ASP A 250 7.42 -22.09 -14.60
CA ASP A 250 6.92 -21.01 -13.74
C ASP A 250 6.19 -19.91 -14.54
N MET A 251 5.65 -20.32 -15.70
CA MET A 251 4.83 -19.44 -16.54
C MET A 251 3.44 -19.31 -15.93
N GLU A 252 2.94 -18.06 -15.87
CA GLU A 252 1.67 -17.72 -15.19
C GLU A 252 1.58 -18.29 -13.77
N ALA A 253 2.74 -18.46 -13.13
CA ALA A 253 2.83 -18.96 -11.76
C ALA A 253 2.36 -17.86 -10.81
N ILE A 254 1.59 -18.25 -9.82
CA ILE A 254 1.04 -17.32 -8.86
C ILE A 254 1.99 -17.16 -7.66
N THR A 255 2.31 -15.91 -7.38
CA THR A 255 3.12 -15.48 -6.24
C THR A 255 2.44 -15.83 -4.89
N PHE A 256 3.18 -15.69 -3.80
CA PHE A 256 2.59 -15.91 -2.46
C PHE A 256 1.50 -14.89 -2.11
N LYS A 257 1.77 -13.61 -2.39
CA LYS A 257 0.80 -12.53 -2.20
C LYS A 257 -0.12 -12.36 -3.41
N LYS A 258 -0.27 -13.43 -4.18
CA LYS A 258 -1.22 -13.56 -5.31
C LYS A 258 -1.02 -12.63 -6.52
N LEU A 259 0.23 -12.34 -6.83
CA LEU A 259 0.56 -11.73 -8.12
C LEU A 259 0.87 -12.81 -9.17
N VAL A 260 0.49 -12.57 -10.43
CA VAL A 260 0.71 -13.54 -11.50
C VAL A 260 1.97 -13.20 -12.32
N LYS A 261 2.84 -14.18 -12.48
CA LYS A 261 4.11 -13.97 -13.19
C LYS A 261 3.95 -14.15 -14.70
N GLY A 262 4.67 -13.33 -15.47
CA GLY A 262 4.61 -13.36 -16.93
C GLY A 262 3.24 -13.00 -17.46
N HIS A 263 2.57 -12.09 -16.77
CA HIS A 263 1.18 -11.77 -17.05
C HIS A 263 1.08 -10.25 -16.99
N ALA A 264 0.48 -9.66 -18.02
CA ALA A 264 0.32 -8.22 -18.10
C ALA A 264 -0.81 -7.69 -17.21
N TYR A 265 -0.54 -6.61 -16.48
CA TYR A 265 -1.53 -5.89 -15.68
C TYR A 265 -1.70 -4.53 -16.28
N SER A 266 -2.92 -3.97 -16.20
CA SER A 266 -3.10 -2.55 -16.51
C SER A 266 -2.70 -1.73 -15.29
N VAL A 267 -1.97 -0.65 -15.50
CA VAL A 267 -1.82 0.38 -14.49
C VAL A 267 -2.98 1.35 -14.68
N THR A 268 -3.91 1.36 -13.72
CA THR A 268 -5.18 2.09 -13.86
C THR A 268 -5.32 3.37 -13.01
N GLY A 269 -4.35 3.62 -12.13
CA GLY A 269 -4.39 4.80 -11.30
C GLY A 269 -3.15 4.97 -10.44
N ALA A 270 -2.97 6.20 -9.96
CA ALA A 270 -1.87 6.56 -9.07
C ALA A 270 -2.33 7.71 -8.20
N LYS A 271 -2.21 7.55 -6.88
CA LYS A 271 -2.59 8.59 -5.90
C LYS A 271 -1.64 8.62 -4.72
N GLN A 272 -1.37 9.84 -4.22
CA GLN A 272 -0.64 9.99 -2.98
C GLN A 272 -1.62 10.11 -1.83
N VAL A 273 -1.34 9.39 -0.75
CA VAL A 273 -2.15 9.48 0.48
C VAL A 273 -1.31 9.97 1.65
N ASN A 274 -1.96 10.54 2.66
CA ASN A 274 -1.30 10.79 3.92
C ASN A 274 -1.51 9.59 4.82
N TYR A 275 -0.43 8.84 4.97
CA TYR A 275 -0.43 7.61 5.75
C TYR A 275 0.42 7.87 6.97
N ARG A 276 -0.17 7.67 8.16
CA ARG A 276 0.48 7.96 9.43
C ARG A 276 1.20 9.32 9.43
N GLY A 277 0.60 10.32 8.78
CA GLY A 277 1.17 11.66 8.73
C GLY A 277 2.18 11.87 7.62
N GLN A 278 2.59 10.79 6.96
CA GLN A 278 3.62 10.82 5.92
C GLN A 278 3.02 10.62 4.52
N VAL A 279 3.58 11.32 3.53
CA VAL A 279 3.16 11.14 2.14
C VAL A 279 3.58 9.77 1.65
N VAL A 280 2.61 8.96 1.24
CA VAL A 280 2.87 7.66 0.62
C VAL A 280 2.27 7.63 -0.80
N SER A 281 3.08 7.21 -1.77
CA SER A 281 2.67 7.13 -3.16
C SER A 281 2.08 5.77 -3.44
N LEU A 282 0.87 5.75 -4.00
CA LEU A 282 0.16 4.51 -4.31
C LEU A 282 -0.09 4.36 -5.81
N ILE A 283 -0.22 3.10 -6.22
CA ILE A 283 -0.36 2.74 -7.62
C ILE A 283 -1.48 1.69 -7.72
N ARG A 284 -2.37 1.86 -8.68
CA ARG A 284 -3.51 0.96 -8.86
C ARG A 284 -3.36 0.16 -10.13
N MET A 285 -3.64 -1.13 -10.05
CA MET A 285 -3.57 -1.95 -11.24
C MET A 285 -4.65 -3.00 -11.33
N ARG A 286 -4.89 -3.46 -12.55
CA ARG A 286 -5.95 -4.39 -12.79
C ARG A 286 -5.42 -5.63 -13.53
N ASN A 287 -5.57 -6.78 -12.89
CA ASN A 287 -5.42 -8.06 -13.53
C ASN A 287 -6.53 -8.24 -14.56
N PRO A 288 -6.17 -8.39 -15.86
CA PRO A 288 -7.16 -8.61 -16.93
C PRO A 288 -7.98 -9.90 -16.78
N TRP A 289 -7.62 -10.77 -15.85
CA TRP A 289 -8.51 -11.90 -15.53
C TRP A 289 -9.83 -11.41 -14.95
N GLY A 290 -9.82 -10.19 -14.39
CA GLY A 290 -10.96 -9.61 -13.67
C GLY A 290 -11.12 -10.29 -12.32
N GLU A 291 -10.02 -10.83 -11.81
CA GLU A 291 -10.00 -11.58 -10.57
C GLU A 291 -8.55 -11.91 -10.24
N VAL A 292 -8.34 -12.45 -9.03
CA VAL A 292 -7.02 -12.78 -8.47
C VAL A 292 -6.17 -11.53 -8.26
N GLU A 293 -6.07 -11.13 -6.99
CA GLU A 293 -5.50 -9.85 -6.62
C GLU A 293 -4.42 -10.00 -5.57
N TRP A 294 -3.49 -9.05 -5.58
CA TRP A 294 -2.51 -8.83 -4.53
C TRP A 294 -3.14 -8.83 -3.14
N THR A 295 -2.47 -9.45 -2.17
CA THR A 295 -2.98 -9.54 -0.82
C THR A 295 -2.11 -8.79 0.20
N GLY A 296 -1.09 -8.07 -0.27
CA GLY A 296 -0.17 -7.36 0.62
C GLY A 296 -0.67 -5.98 1.05
N ALA A 297 0.26 -5.15 1.51
CA ALA A 297 -0.07 -3.81 1.95
C ALA A 297 -0.91 -3.09 0.88
N TRP A 298 -2.02 -2.50 1.31
CA TRP A 298 -2.93 -1.70 0.47
C TRP A 298 -3.92 -2.51 -0.36
N SER A 299 -3.93 -3.83 -0.16
CA SER A 299 -4.97 -4.64 -0.79
C SER A 299 -6.35 -4.21 -0.26
N ASP A 300 -7.40 -4.63 -0.94
CA ASP A 300 -8.77 -4.34 -0.52
C ASP A 300 -8.99 -4.46 1.01
N SER A 301 -8.52 -5.54 1.61
CA SER A 301 -8.87 -5.85 3.00
C SER A 301 -7.74 -5.58 3.99
N SER A 302 -6.69 -4.92 3.53
CA SER A 302 -5.51 -4.69 4.34
C SER A 302 -5.72 -3.52 5.31
N SER A 303 -4.88 -3.45 6.33
CA SER A 303 -5.06 -2.53 7.44
C SER A 303 -4.44 -1.17 7.18
N GLU A 304 -3.72 -1.04 6.08
CA GLU A 304 -3.10 0.24 5.73
C GLU A 304 -4.15 1.35 5.64
N TRP A 305 -5.37 0.95 5.29
CA TRP A 305 -6.50 1.88 5.10
C TRP A 305 -7.05 2.46 6.40
N ASN A 306 -6.81 1.76 7.51
CA ASN A 306 -7.14 2.25 8.84
C ASN A 306 -6.22 3.41 9.29
N ASN A 307 -5.15 3.67 8.54
CA ASN A 307 -4.18 4.70 8.92
C ASN A 307 -4.10 5.84 7.92
N VAL A 308 -5.06 5.90 7.01
CA VAL A 308 -5.21 7.08 6.16
C VAL A 308 -6.45 7.85 6.61
N ASP A 309 -6.49 9.13 6.30
CA ASP A 309 -7.72 9.90 6.38
C ASP A 309 -8.91 9.03 5.88
N PRO A 310 -9.93 8.83 6.74
CA PRO A 310 -11.14 8.05 6.40
C PRO A 310 -11.78 8.43 5.07
N TYR A 311 -11.66 9.69 4.69
CA TYR A 311 -12.23 10.18 3.45
C TYR A 311 -11.37 9.82 2.22
N GLU A 312 -10.05 9.68 2.42
CA GLU A 312 -9.12 9.15 1.41
C GLU A 312 -9.47 7.68 1.20
N ARG A 313 -9.60 6.96 2.30
CA ARG A 313 -9.97 5.56 2.29
C ARG A 313 -11.24 5.33 1.46
N ASP A 314 -12.32 6.03 1.84
CA ASP A 314 -13.63 5.88 1.21
C ASP A 314 -13.56 6.19 -0.28
N GLN A 315 -12.71 7.14 -0.62
CA GLN A 315 -12.56 7.60 -2.00
C GLN A 315 -11.77 6.64 -2.90
N LEU A 316 -10.77 5.96 -2.35
CA LEU A 316 -9.85 5.16 -3.17
C LEU A 316 -10.07 3.65 -3.05
N ARG A 317 -10.37 3.17 -1.85
CA ARG A 317 -10.55 1.74 -1.64
C ARG A 317 -11.91 1.23 -2.11
N VAL A 318 -11.87 0.11 -2.83
CA VAL A 318 -13.06 -0.61 -3.21
C VAL A 318 -12.88 -2.08 -2.82
N LYS A 319 -13.72 -2.55 -1.92
CA LYS A 319 -13.68 -3.93 -1.47
C LYS A 319 -14.47 -4.83 -2.42
N MET A 320 -13.78 -5.42 -3.39
CA MET A 320 -14.41 -6.31 -4.36
C MET A 320 -13.40 -7.13 -5.13
N GLU A 321 -13.73 -8.41 -5.34
CA GLU A 321 -12.91 -9.28 -6.18
C GLU A 321 -13.20 -8.94 -7.65
N ASP A 322 -12.40 -8.02 -8.18
CA ASP A 322 -12.61 -7.48 -9.50
C ASP A 322 -11.30 -7.40 -10.31
N GLY A 323 -10.25 -8.03 -9.81
CA GLY A 323 -8.93 -7.97 -10.45
C GLY A 323 -8.14 -6.70 -10.18
N GLU A 324 -8.82 -5.69 -9.62
CA GLU A 324 -8.21 -4.40 -9.39
C GLU A 324 -7.86 -4.20 -7.92
N PHE A 325 -6.71 -3.57 -7.70
CA PHE A 325 -6.18 -3.36 -6.36
C PHE A 325 -5.14 -2.24 -6.35
N TRP A 326 -4.84 -1.75 -5.15
CA TRP A 326 -3.76 -0.80 -4.92
C TRP A 326 -2.52 -1.50 -4.34
N MET A 327 -1.35 -0.96 -4.67
CA MET A 327 -0.11 -1.28 -4.00
C MET A 327 0.57 0.05 -3.70
N SER A 328 1.48 0.06 -2.73
CA SER A 328 2.36 1.21 -2.58
C SER A 328 3.31 1.19 -3.77
N PHE A 329 3.71 2.36 -4.23
CA PHE A 329 4.67 2.47 -5.31
C PHE A 329 5.99 1.75 -4.99
N ARG A 330 6.44 1.81 -3.74
CA ARG A 330 7.65 1.08 -3.33
C ARG A 330 7.52 -0.43 -3.42
N ASP A 331 6.41 -0.98 -2.95
CA ASP A 331 6.18 -2.43 -3.08
C ASP A 331 5.99 -2.81 -4.54
N PHE A 332 5.42 -1.87 -5.30
CA PHE A 332 5.22 -2.03 -6.74
C PHE A 332 6.55 -2.23 -7.49
N MET A 333 7.52 -1.35 -7.25
CA MET A 333 8.79 -1.45 -7.96
C MET A 333 9.66 -2.60 -7.46
N ARG A 334 9.30 -3.15 -6.30
CA ARG A 334 9.99 -4.32 -5.78
C ARG A 334 9.45 -5.58 -6.45
N GLU A 335 8.14 -5.65 -6.57
CA GLU A 335 7.45 -6.84 -7.05
C GLU A 335 7.43 -6.97 -8.57
N PHE A 336 7.17 -5.87 -9.27
CA PHE A 336 7.10 -5.93 -10.73
C PHE A 336 8.46 -5.64 -11.35
N THR A 337 8.74 -6.29 -12.48
CA THR A 337 10.03 -6.15 -13.12
C THR A 337 10.02 -4.95 -14.05
N ARG A 338 8.97 -4.85 -14.88
CA ARG A 338 8.93 -3.79 -15.89
C ARG A 338 7.63 -3.03 -16.00
N LEU A 339 7.76 -1.76 -16.36
CA LEU A 339 6.65 -0.91 -16.73
C LEU A 339 6.79 -0.49 -18.21
N GLU A 340 5.69 -0.59 -18.95
CA GLU A 340 5.63 -0.12 -20.32
C GLU A 340 4.62 1.03 -20.43
N ILE A 341 5.01 2.11 -21.09
CA ILE A 341 4.08 3.19 -21.36
C ILE A 341 3.93 3.38 -22.88
N CYS A 342 2.68 3.34 -23.35
CA CYS A 342 2.39 3.54 -24.75
C CYS A 342 1.73 4.89 -24.95
N ASN A 343 2.44 5.78 -25.63
CA ASN A 343 1.97 7.14 -25.87
C ASN A 343 1.19 7.24 -27.19
N LEU A 344 0.34 8.26 -27.30
CA LEU A 344 -0.43 8.51 -28.52
C LEU A 344 0.32 9.47 -29.47
N THR A 345 -0.38 10.01 -30.47
CA THR A 345 0.26 10.82 -31.50
C THR A 345 0.10 12.33 -31.25
N ASN B 24 10.95 12.44 47.35
CA ASN B 24 11.09 13.92 47.34
C ASN B 24 10.48 14.61 46.12
N ALA B 25 10.56 13.92 44.97
CA ALA B 25 10.11 14.44 43.65
C ALA B 25 8.80 15.25 43.66
N ILE B 26 8.83 16.35 42.91
CA ILE B 26 7.72 17.31 42.83
C ILE B 26 6.40 16.66 42.38
N LYS B 27 5.30 17.12 42.98
CA LYS B 27 3.95 16.72 42.56
C LYS B 27 3.44 17.77 41.57
N TYR B 28 3.08 17.33 40.36
CA TYR B 28 2.65 18.24 39.31
C TYR B 28 1.27 18.82 39.65
N LEU B 29 1.19 20.16 39.60
CA LEU B 29 -0.02 20.91 39.99
C LEU B 29 -0.56 20.53 41.38
N GLY B 30 0.34 20.03 42.23
CA GLY B 30 0.02 19.66 43.61
C GLY B 30 -0.67 18.32 43.76
N GLN B 31 -0.93 17.65 42.63
CA GLN B 31 -1.68 16.38 42.66
C GLN B 31 -0.86 15.22 43.18
N ASP B 32 -1.34 14.60 44.24
CA ASP B 32 -0.66 13.49 44.91
C ASP B 32 -1.36 12.17 44.63
N TYR B 33 -0.63 11.26 43.98
CA TYR B 33 -1.16 10.00 43.48
C TYR B 33 -1.79 9.14 44.56
N GLU B 34 -1.03 8.82 45.61
CA GLU B 34 -1.51 7.96 46.70
C GLU B 34 -2.73 8.50 47.43
N GLN B 35 -2.66 9.75 47.86
CA GLN B 35 -3.78 10.44 48.50
C GLN B 35 -5.03 10.40 47.60
N LEU B 36 -4.85 10.78 46.33
CA LEU B 36 -5.96 10.81 45.38
C LEU B 36 -6.59 9.43 45.20
N ARG B 37 -5.74 8.40 45.09
CA ARG B 37 -6.21 7.02 44.94
C ARG B 37 -7.04 6.53 46.15
N VAL B 38 -6.50 6.73 47.36
CA VAL B 38 -7.20 6.41 48.61
C VAL B 38 -8.57 7.12 48.69
N ARG B 39 -8.56 8.43 48.42
CA ARG B 39 -9.80 9.22 48.40
C ARG B 39 -10.85 8.63 47.47
N CYS B 40 -10.43 8.25 46.26
CA CYS B 40 -11.36 7.68 45.27
C CYS B 40 -11.90 6.32 45.71
N LEU B 41 -11.04 5.50 46.29
CA LEU B 41 -11.45 4.22 46.85
C LEU B 41 -12.43 4.39 48.03
N GLN B 42 -12.12 5.33 48.94
CA GLN B 42 -13.01 5.58 50.07
C GLN B 42 -14.38 6.14 49.66
N SER B 43 -14.43 6.86 48.55
CA SER B 43 -15.67 7.45 48.04
C SER B 43 -16.42 6.50 47.11
N GLY B 44 -15.76 5.41 46.72
CA GLY B 44 -16.30 4.49 45.72
C GLY B 44 -16.51 5.13 44.36
N THR B 45 -15.66 6.09 44.00
CA THR B 45 -15.70 6.72 42.67
C THR B 45 -14.40 6.46 41.91
N LEU B 46 -14.45 6.65 40.58
CA LEU B 46 -13.28 6.58 39.73
C LEU B 46 -12.74 7.98 39.51
N PHE B 47 -11.41 8.12 39.60
CA PHE B 47 -10.76 9.41 39.47
C PHE B 47 -11.18 10.13 38.18
N ARG B 48 -11.38 11.43 38.29
CA ARG B 48 -11.63 12.31 37.14
C ARG B 48 -10.75 13.54 37.28
N ASP B 49 -9.75 13.62 36.42
CA ASP B 49 -8.70 14.63 36.52
C ASP B 49 -9.24 16.00 36.12
N GLU B 50 -9.12 16.96 37.04
CA GLU B 50 -9.57 18.32 36.79
C GLU B 50 -8.54 19.14 36.02
N ALA B 51 -7.31 18.64 35.98
CA ALA B 51 -6.23 19.27 35.23
C ALA B 51 -6.31 18.93 33.73
N PHE B 52 -6.71 17.69 33.42
CA PHE B 52 -6.73 17.22 32.06
C PHE B 52 -8.03 16.47 31.78
N PRO B 53 -9.14 17.21 31.64
CA PRO B 53 -10.43 16.55 31.51
C PRO B 53 -10.65 15.94 30.13
N PRO B 54 -11.54 14.93 30.02
CA PRO B 54 -11.84 14.26 28.75
C PRO B 54 -12.68 15.12 27.83
N VAL B 55 -12.10 16.25 27.40
CA VAL B 55 -12.81 17.24 26.60
C VAL B 55 -12.05 17.57 25.31
N PRO B 56 -12.73 18.16 24.31
CA PRO B 56 -12.11 18.64 23.06
C PRO B 56 -10.73 19.34 23.17
N GLN B 57 -10.54 20.17 24.20
CA GLN B 57 -9.33 20.99 24.32
C GLN B 57 -8.10 20.15 24.69
N SER B 58 -8.35 19.03 25.35
CA SER B 58 -7.32 18.06 25.71
C SER B 58 -6.77 17.29 24.51
N LEU B 59 -7.56 17.20 23.43
CA LEU B 59 -7.06 16.63 22.18
C LEU B 59 -6.22 17.67 21.45
N GLY B 60 -6.77 18.86 21.27
CA GLY B 60 -6.03 19.89 20.57
C GLY B 60 -6.81 21.13 20.24
N TYR B 61 -6.26 21.89 19.30
CA TYR B 61 -6.60 23.28 19.11
C TYR B 61 -6.62 23.67 17.64
N LYS B 62 -5.96 22.87 16.80
CA LYS B 62 -5.88 23.16 15.37
C LYS B 62 -6.14 21.88 14.54
N ASP B 63 -5.09 21.09 14.30
CA ASP B 63 -5.22 19.79 13.64
C ASP B 63 -6.15 18.88 14.41
N LEU B 64 -6.13 19.02 15.73
CA LEU B 64 -7.01 18.25 16.60
C LEU B 64 -8.01 19.15 17.33
N GLY B 65 -8.30 20.30 16.73
CA GLY B 65 -9.36 21.19 17.19
C GLY B 65 -10.73 20.68 16.76
N PRO B 66 -11.81 21.20 17.38
CA PRO B 66 -13.19 20.74 17.09
C PRO B 66 -13.59 20.89 15.62
N ASN B 67 -13.00 21.85 14.92
CA ASN B 67 -13.31 22.09 13.50
C ASN B 67 -12.50 21.19 12.56
N SER B 68 -11.80 20.20 13.11
CA SER B 68 -10.96 19.32 12.31
C SER B 68 -11.52 17.91 12.24
N SER B 69 -11.57 17.37 11.02
CA SER B 69 -12.04 16.01 10.77
C SER B 69 -11.25 14.94 11.50
N LYS B 70 -9.98 15.23 11.82
CA LYS B 70 -9.19 14.34 12.65
C LYS B 70 -9.85 14.01 13.99
N THR B 71 -10.76 14.86 14.47
CA THR B 71 -11.45 14.58 15.75
C THR B 71 -12.74 13.76 15.65
N TYR B 72 -13.28 13.58 14.43
CA TYR B 72 -14.60 12.98 14.30
C TYR B 72 -14.63 11.56 14.80
N GLY B 73 -15.68 11.23 15.54
CA GLY B 73 -15.91 9.87 16.01
C GLY B 73 -15.11 9.51 17.24
N ILE B 74 -14.29 10.44 17.73
CA ILE B 74 -13.50 10.18 18.93
C ILE B 74 -14.34 10.32 20.19
N LYS B 75 -14.32 9.29 21.03
CA LYS B 75 -14.88 9.32 22.39
C LYS B 75 -13.78 8.98 23.38
N TRP B 76 -14.02 9.26 24.66
CA TRP B 76 -13.07 8.99 25.72
C TRP B 76 -13.55 7.86 26.59
N LYS B 77 -12.74 6.82 26.72
CA LYS B 77 -13.10 5.64 27.48
C LYS B 77 -11.98 5.16 28.40
N ARG B 78 -12.36 4.51 29.49
CA ARG B 78 -11.39 3.82 30.37
C ARG B 78 -11.20 2.39 29.87
N PRO B 79 -9.97 1.85 29.99
CA PRO B 79 -9.70 0.46 29.59
C PRO B 79 -10.68 -0.55 30.21
N THR B 80 -11.09 -0.30 31.44
CA THR B 80 -12.12 -1.11 32.14
C THR B 80 -13.50 -1.06 31.49
N GLU B 81 -13.75 0.00 30.70
CA GLU B 81 -15.00 0.10 29.95
C GLU B 81 -14.89 -0.66 28.63
N LEU B 82 -13.68 -0.75 28.09
CA LEU B 82 -13.45 -1.39 26.79
C LEU B 82 -13.32 -2.91 26.90
N LEU B 83 -12.58 -3.38 27.89
CA LEU B 83 -12.27 -4.80 28.02
C LEU B 83 -12.60 -5.33 29.41
N SER B 84 -12.92 -6.62 29.47
CA SER B 84 -13.28 -7.27 30.72
C SER B 84 -12.07 -7.45 31.65
N ASN B 85 -10.86 -7.43 31.09
CA ASN B 85 -9.66 -7.59 31.89
C ASN B 85 -8.42 -6.83 31.36
N PRO B 86 -8.47 -5.49 31.35
CA PRO B 86 -7.31 -4.72 30.89
C PRO B 86 -6.10 -4.86 31.81
N GLN B 87 -4.91 -4.79 31.22
CA GLN B 87 -3.68 -4.89 31.98
C GLN B 87 -2.86 -3.64 31.77
N PHE B 88 -2.09 -3.27 32.78
CA PHE B 88 -1.21 -2.12 32.72
C PHE B 88 0.05 -2.56 31.96
N ILE B 89 0.67 -3.63 32.45
CA ILE B 89 1.85 -4.22 31.84
C ILE B 89 1.60 -5.71 31.55
N VAL B 90 1.88 -6.13 30.32
CA VAL B 90 1.90 -7.57 30.00
C VAL B 90 3.20 -7.97 29.30
N ASP B 91 3.81 -9.04 29.81
CA ASP B 91 5.11 -9.52 29.36
C ASP B 91 6.14 -8.40 29.36
N GLY B 92 6.22 -7.66 30.46
CA GLY B 92 7.15 -6.53 30.60
C GLY B 92 6.72 -5.26 29.88
N ALA B 93 7.29 -4.14 30.29
CA ALA B 93 7.10 -2.87 29.60
C ALA B 93 8.25 -2.71 28.63
N THR B 94 8.02 -3.11 27.39
CA THR B 94 9.11 -3.22 26.42
C THR B 94 8.82 -2.38 25.18
N ARG B 95 9.85 -2.18 24.36
CA ARG B 95 9.75 -1.31 23.19
C ARG B 95 8.67 -1.76 22.18
N THR B 96 8.30 -3.03 22.25
CA THR B 96 7.24 -3.59 21.42
C THR B 96 5.86 -3.03 21.78
N ASP B 97 5.80 -2.31 22.91
CA ASP B 97 4.56 -1.74 23.42
C ASP B 97 4.35 -0.31 22.90
N ILE B 98 5.29 0.17 22.09
CA ILE B 98 5.21 1.51 21.55
C ILE B 98 4.87 1.49 20.07
N CYS B 99 3.59 1.58 19.75
CA CYS B 99 3.13 1.70 18.37
C CYS B 99 2.41 3.01 18.14
N GLN B 100 3.03 3.88 17.34
CA GLN B 100 2.46 5.18 17.03
C GLN B 100 1.05 5.13 16.47
N GLY B 101 0.21 6.05 16.95
CA GLY B 101 -1.15 6.21 16.47
C GLY B 101 -1.28 7.50 15.69
N ALA B 102 -2.49 8.03 15.63
CA ALA B 102 -2.77 9.17 14.75
C ALA B 102 -2.32 10.50 15.34
N LEU B 103 -1.02 10.61 15.59
CA LEU B 103 -0.39 11.81 16.14
C LEU B 103 1.06 11.87 15.69
N GLY B 104 1.59 13.08 15.52
CA GLY B 104 2.95 13.26 15.07
C GLY B 104 3.98 13.27 16.18
N ASP B 105 3.92 12.29 17.08
CA ASP B 105 4.89 12.25 18.19
C ASP B 105 5.86 11.08 18.07
N CYS B 106 6.36 10.89 16.85
CA CYS B 106 7.34 9.85 16.59
C CYS B 106 8.64 10.05 17.40
N TRP B 107 9.10 11.29 17.54
CA TRP B 107 10.29 11.55 18.37
C TRP B 107 10.13 11.15 19.83
N LEU B 108 9.00 11.52 20.45
CA LEU B 108 8.71 11.17 21.84
C LEU B 108 8.56 9.66 22.02
N LEU B 109 7.86 9.03 21.09
CA LEU B 109 7.64 7.60 21.12
C LEU B 109 8.93 6.82 20.90
N ALA B 110 9.83 7.36 20.07
CA ALA B 110 11.13 6.76 19.83
C ALA B 110 12.01 6.90 21.09
N ALA B 111 11.97 8.07 21.74
CA ALA B 111 12.62 8.26 23.05
C ALA B 111 12.11 7.28 24.11
N ILE B 112 10.81 7.08 24.17
CA ILE B 112 10.20 6.17 25.15
C ILE B 112 10.55 4.71 24.88
N ALA B 113 10.60 4.31 23.61
CA ALA B 113 11.04 2.96 23.24
C ALA B 113 12.51 2.73 23.65
N SER B 114 13.36 3.73 23.43
CA SER B 114 14.75 3.72 23.89
C SER B 114 14.84 3.65 25.43
N LEU B 115 13.95 4.38 26.10
CA LEU B 115 13.85 4.38 27.56
C LEU B 115 13.70 2.98 28.14
N THR B 116 12.89 2.15 27.48
CA THR B 116 12.57 0.80 27.99
C THR B 116 13.79 -0.11 28.07
N LEU B 117 14.88 0.28 27.40
CA LEU B 117 16.11 -0.51 27.39
C LEU B 117 16.97 -0.23 28.62
N ASN B 118 16.84 0.97 29.16
CA ASN B 118 17.44 1.36 30.45
C ASN B 118 16.49 1.01 31.60
N ASP B 119 16.72 -0.13 32.24
CA ASP B 119 15.81 -0.66 33.28
C ASP B 119 15.60 0.23 34.50
N THR B 120 16.68 0.87 34.96
CA THR B 120 16.60 1.79 36.07
C THR B 120 15.64 2.93 35.70
N LEU B 121 15.99 3.68 34.65
CA LEU B 121 15.15 4.76 34.12
C LEU B 121 13.71 4.30 33.88
N LEU B 122 13.54 3.10 33.35
CA LEU B 122 12.21 2.59 33.05
C LEU B 122 11.33 2.53 34.30
N HIS B 123 11.88 1.89 35.34
CA HIS B 123 11.13 1.63 36.57
C HIS B 123 10.88 2.90 37.37
N ARG B 124 11.70 3.93 37.14
CA ARG B 124 11.42 5.27 37.67
C ARG B 124 10.30 6.00 36.91
N VAL B 125 10.35 6.01 35.58
CA VAL B 125 9.36 6.70 34.75
C VAL B 125 8.03 5.96 34.76
N VAL B 126 8.07 4.64 34.66
CA VAL B 126 6.85 3.84 34.64
C VAL B 126 6.79 3.03 35.93
N PRO B 127 6.12 3.60 36.96
CA PRO B 127 6.06 2.91 38.24
C PRO B 127 5.31 1.60 38.10
N HIS B 128 5.99 0.50 38.41
CA HIS B 128 5.41 -0.81 38.25
C HIS B 128 4.58 -1.10 39.48
N GLY B 129 3.64 -2.04 39.36
CA GLY B 129 2.74 -2.32 40.46
C GLY B 129 1.34 -1.79 40.23
N GLN B 130 1.23 -0.71 39.46
CA GLN B 130 -0.08 -0.14 39.09
C GLN B 130 -0.91 -1.19 38.35
N SER B 131 -2.22 -1.17 38.56
CA SER B 131 -3.12 -2.22 38.08
C SER B 131 -4.51 -1.72 37.73
N PHE B 132 -5.22 -2.49 36.91
CA PHE B 132 -6.66 -2.26 36.69
C PHE B 132 -7.52 -3.17 37.59
N GLN B 133 -6.85 -4.00 38.39
CA GLN B 133 -7.54 -4.94 39.27
C GLN B 133 -7.37 -4.51 40.72
N ASN B 134 -6.20 -4.79 41.30
CA ASN B 134 -5.98 -4.56 42.73
C ASN B 134 -5.71 -3.10 43.11
N GLY B 135 -6.68 -2.50 43.80
CA GLY B 135 -6.55 -1.13 44.30
C GLY B 135 -6.85 -0.07 43.26
N TYR B 136 -7.59 -0.48 42.22
CA TYR B 136 -7.92 0.37 41.08
C TYR B 136 -8.94 1.44 41.43
N ALA B 137 -8.61 2.70 41.12
CA ALA B 137 -9.53 3.81 41.30
C ALA B 137 -9.52 4.77 40.11
N GLY B 138 -9.23 4.22 38.92
CA GLY B 138 -9.22 4.99 37.67
C GLY B 138 -8.11 6.01 37.55
N ILE B 139 -7.04 5.81 38.32
CA ILE B 139 -5.93 6.76 38.39
C ILE B 139 -4.58 6.05 38.30
N PHE B 140 -3.63 6.71 37.65
CA PHE B 140 -2.29 6.16 37.39
C PHE B 140 -1.33 7.32 37.42
N HIS B 141 -0.06 7.04 37.67
CA HIS B 141 0.97 8.07 37.71
C HIS B 141 2.28 7.64 37.05
N PHE B 142 3.06 8.65 36.65
CA PHE B 142 4.35 8.46 35.99
C PHE B 142 5.26 9.57 36.49
N GLN B 143 6.57 9.33 36.44
CA GLN B 143 7.53 10.39 36.73
C GLN B 143 8.13 10.86 35.42
N LEU B 144 8.11 12.17 35.19
CA LEU B 144 8.63 12.73 33.95
C LEU B 144 9.68 13.79 34.20
N TRP B 145 10.69 13.82 33.35
CA TRP B 145 11.65 14.91 33.35
C TRP B 145 11.00 16.19 32.81
N GLN B 146 10.77 17.14 33.71
CA GLN B 146 10.15 18.43 33.38
C GLN B 146 10.95 19.59 33.96
N PHE B 147 11.35 20.52 33.09
CA PHE B 147 12.03 21.75 33.52
C PHE B 147 13.13 21.48 34.56
N GLY B 148 14.05 20.59 34.20
CA GLY B 148 15.20 20.30 35.04
C GLY B 148 14.94 19.55 36.34
N GLU B 149 13.81 18.85 36.40
CA GLU B 149 13.46 18.04 37.58
C GLU B 149 12.46 16.90 37.29
N TRP B 150 12.50 15.88 38.12
CA TRP B 150 11.56 14.76 38.02
C TRP B 150 10.25 15.08 38.73
N VAL B 151 9.15 15.12 37.98
CA VAL B 151 7.83 15.35 38.55
C VAL B 151 6.92 14.11 38.43
N ASP B 152 6.19 13.82 39.50
CA ASP B 152 5.18 12.77 39.47
C ASP B 152 3.92 13.37 38.87
N VAL B 153 3.47 12.80 37.75
CA VAL B 153 2.28 13.28 37.03
C VAL B 153 1.19 12.22 37.16
N VAL B 154 -0.02 12.65 37.48
CA VAL B 154 -1.15 11.71 37.54
C VAL B 154 -2.05 11.87 36.33
N VAL B 155 -2.73 10.79 35.97
CA VAL B 155 -3.80 10.85 34.96
C VAL B 155 -4.95 9.95 35.42
N ASP B 156 -6.17 10.28 35.00
CA ASP B 156 -7.20 9.25 34.97
C ASP B 156 -6.98 8.38 33.71
N ASP B 157 -7.62 7.22 33.67
CA ASP B 157 -7.42 6.30 32.56
C ASP B 157 -8.44 6.47 31.43
N LEU B 158 -9.10 7.64 31.36
CA LEU B 158 -9.93 7.97 30.20
C LEU B 158 -9.02 8.26 29.00
N LEU B 159 -9.20 7.48 27.93
CA LEU B 159 -8.34 7.55 26.75
C LEU B 159 -9.19 7.70 25.50
N PRO B 160 -8.71 8.49 24.52
CA PRO B 160 -9.40 8.66 23.25
C PRO B 160 -9.51 7.35 22.48
N ILE B 161 -10.72 7.07 22.03
CA ILE B 161 -11.09 5.85 21.34
C ILE B 161 -11.80 6.26 20.04
N LYS B 162 -11.51 5.54 18.95
CA LYS B 162 -12.20 5.74 17.67
C LYS B 162 -12.34 4.39 16.98
N ASP B 163 -13.57 4.04 16.64
CA ASP B 163 -13.92 2.72 16.09
C ASP B 163 -13.54 1.57 17.03
N GLY B 164 -13.62 1.82 18.34
CA GLY B 164 -13.34 0.80 19.36
C GLY B 164 -11.87 0.59 19.69
N LYS B 165 -10.99 1.39 19.10
CA LYS B 165 -9.55 1.25 19.31
C LYS B 165 -8.96 2.55 19.82
N LEU B 166 -7.82 2.47 20.51
CA LEU B 166 -7.05 3.68 20.82
C LEU B 166 -6.73 4.47 19.56
N VAL B 167 -6.81 5.79 19.66
CA VAL B 167 -6.52 6.71 18.57
C VAL B 167 -5.02 6.97 18.49
N PHE B 168 -4.37 6.98 19.64
CA PHE B 168 -2.98 7.36 19.72
C PHE B 168 -2.13 6.11 20.00
N VAL B 169 -1.08 6.23 20.81
CA VAL B 169 -0.19 5.09 21.04
C VAL B 169 -0.96 3.90 21.60
N HIS B 170 -0.65 2.74 21.07
CA HIS B 170 -1.15 1.48 21.59
C HIS B 170 0.03 0.53 21.65
N SER B 171 -0.21 -0.64 22.25
CA SER B 171 0.80 -1.68 22.35
C SER B 171 0.51 -2.71 21.28
N ALA B 172 1.53 -3.48 20.89
CA ALA B 172 1.31 -4.68 20.07
C ALA B 172 0.40 -5.64 20.83
N GLU B 173 0.47 -5.58 22.17
CA GLU B 173 -0.44 -6.30 23.03
C GLU B 173 -1.74 -5.51 23.25
N GLY B 174 -2.84 -6.02 22.71
CA GLY B 174 -4.10 -5.28 22.64
C GLY B 174 -4.73 -4.85 23.95
N ASN B 175 -4.37 -5.52 25.03
CA ASN B 175 -4.96 -5.22 26.33
C ASN B 175 -3.94 -4.71 27.32
N GLU B 176 -2.88 -4.13 26.78
CA GLU B 176 -1.85 -3.49 27.57
C GLU B 176 -1.94 -1.96 27.46
N PHE B 177 -1.81 -1.26 28.59
CA PHE B 177 -2.16 0.15 28.60
C PHE B 177 -1.13 1.14 29.14
N TRP B 178 -0.05 0.65 29.76
CA TRP B 178 0.95 1.56 30.35
C TRP B 178 1.44 2.64 29.40
N SER B 179 1.62 2.29 28.13
CA SER B 179 2.25 3.25 27.19
C SER B 179 1.25 4.30 26.73
N ALA B 180 -0.01 3.88 26.53
CA ALA B 180 -1.12 4.79 26.27
C ALA B 180 -1.25 5.84 27.39
N LEU B 181 -1.18 5.38 28.64
CA LEU B 181 -1.26 6.25 29.80
C LEU B 181 -0.02 7.14 29.96
N LEU B 182 1.15 6.58 29.70
CA LEU B 182 2.36 7.36 29.73
C LEU B 182 2.32 8.48 28.69
N GLU B 183 1.85 8.16 27.48
CA GLU B 183 1.68 9.18 26.46
C GLU B 183 0.65 10.22 26.89
N LYS B 184 -0.44 9.77 27.52
CA LYS B 184 -1.46 10.71 28.02
C LYS B 184 -0.82 11.69 29.01
N ALA B 185 0.00 11.14 29.92
CA ALA B 185 0.76 11.93 30.89
C ALA B 185 1.59 13.06 30.24
N TYR B 186 2.28 12.77 29.14
CA TYR B 186 2.99 13.82 28.38
C TYR B 186 2.06 14.85 27.74
N ALA B 187 0.89 14.42 27.28
CA ALA B 187 -0.07 15.34 26.69
C ALA B 187 -0.52 16.34 27.75
N LYS B 188 -0.80 15.82 28.95
CA LYS B 188 -1.21 16.63 30.10
C LYS B 188 -0.27 17.80 30.37
N VAL B 189 1.02 17.51 30.59
CA VAL B 189 1.98 18.58 30.91
C VAL B 189 2.23 19.53 29.76
N ASN B 190 1.91 19.09 28.55
CA ASN B 190 2.02 19.94 27.36
C ASN B 190 0.70 20.62 27.00
N GLY B 191 -0.37 20.24 27.68
CA GLY B 191 -1.68 20.90 27.51
C GLY B 191 -2.70 20.17 26.65
N SER B 192 -2.20 19.31 25.75
CA SER B 192 -3.04 18.58 24.80
C SER B 192 -2.22 17.53 24.07
N TYR B 193 -2.92 16.60 23.43
CA TYR B 193 -2.27 15.64 22.54
C TYR B 193 -1.61 16.34 21.36
N GLU B 194 -2.28 17.33 20.78
CA GLU B 194 -1.69 18.03 19.64
C GLU B 194 -0.34 18.69 19.95
N ALA B 195 -0.14 19.04 21.21
CA ALA B 195 1.09 19.73 21.64
C ALA B 195 2.28 18.78 21.54
N LEU B 196 1.98 17.49 21.55
CA LEU B 196 2.98 16.44 21.47
C LEU B 196 3.55 16.26 20.07
N SER B 197 2.80 16.67 19.06
CA SER B 197 3.23 16.43 17.69
C SER B 197 4.19 17.51 17.21
N GLY B 198 5.22 17.08 16.47
CA GLY B 198 6.22 17.97 15.91
C GLY B 198 7.08 17.23 14.91
N GLY B 199 8.34 17.66 14.80
CA GLY B 199 9.28 17.05 13.88
C GLY B 199 9.84 15.73 14.36
N SER B 200 10.78 15.20 13.57
CA SER B 200 11.39 13.91 13.82
C SER B 200 12.69 13.98 14.66
N THR B 201 13.05 15.19 15.09
CA THR B 201 14.23 15.42 15.95
C THR B 201 13.82 16.03 17.31
N SER B 202 14.82 16.26 18.17
CA SER B 202 14.60 16.80 19.52
C SER B 202 14.32 18.30 19.49
N GLU B 203 14.78 18.97 18.43
CA GLU B 203 14.50 20.38 18.21
C GLU B 203 13.03 20.74 18.36
N GLY B 204 12.76 21.73 19.20
CA GLY B 204 11.40 22.22 19.37
C GLY B 204 10.70 21.51 20.51
N PHE B 205 11.41 20.59 21.14
CA PHE B 205 10.89 19.89 22.31
C PHE B 205 11.73 20.21 23.56
N GLU B 206 11.08 20.17 24.72
CA GLU B 206 11.79 20.27 26.00
C GLU B 206 12.63 19.01 26.18
N ASP B 207 13.84 19.18 26.73
CA ASP B 207 14.75 18.06 26.94
C ASP B 207 14.05 16.84 27.54
N PHE B 208 14.32 15.68 26.95
CA PHE B 208 13.72 14.45 27.44
C PHE B 208 14.49 13.90 28.65
N THR B 209 15.77 14.27 28.74
CA THR B 209 16.66 13.82 29.80
C THR B 209 17.48 14.98 30.36
N GLY B 210 17.95 14.81 31.60
CA GLY B 210 18.76 15.81 32.28
C GLY B 210 20.17 15.98 31.72
N GLY B 211 20.84 14.87 31.47
CA GLY B 211 22.24 14.88 31.02
C GLY B 211 22.48 15.66 29.74
N VAL B 212 23.75 15.83 29.39
CA VAL B 212 24.11 16.57 28.19
C VAL B 212 23.83 15.74 26.93
N THR B 213 23.11 16.33 25.98
CA THR B 213 22.73 15.64 24.74
C THR B 213 23.74 15.90 23.60
N GLU B 214 24.20 14.81 22.99
CA GLU B 214 25.10 14.88 21.84
C GLU B 214 24.33 14.55 20.57
N TRP B 215 24.64 15.25 19.48
CA TRP B 215 24.09 14.84 18.19
C TRP B 215 25.08 14.94 17.03
N TYR B 216 25.04 13.91 16.18
CA TYR B 216 25.99 13.74 15.10
C TYR B 216 25.31 13.83 13.74
N GLU B 217 25.81 14.77 12.93
CA GLU B 217 25.52 14.79 11.49
C GLU B 217 26.40 13.71 10.91
N LEU B 218 25.77 12.62 10.47
CA LEU B 218 26.48 11.41 10.05
C LEU B 218 27.40 11.63 8.84
N ARG B 219 27.12 12.70 8.10
CA ARG B 219 27.97 13.16 7.01
C ARG B 219 29.39 13.50 7.50
N LYS B 220 29.46 14.22 8.63
CA LYS B 220 30.71 14.67 9.23
C LYS B 220 30.98 13.96 10.58
N ALA B 221 30.73 12.66 10.63
CA ALA B 221 30.88 11.88 11.87
C ALA B 221 32.34 11.54 12.21
N PRO B 222 32.63 11.34 13.52
CA PRO B 222 33.92 10.80 13.95
C PRO B 222 34.12 9.35 13.51
N SER B 223 35.39 8.96 13.35
CA SER B 223 35.75 7.61 12.91
C SER B 223 35.47 6.53 13.96
N ASP B 224 35.24 6.96 15.20
CA ASP B 224 34.97 6.04 16.29
C ASP B 224 33.48 6.01 16.66
N LEU B 225 32.64 6.47 15.74
CA LEU B 225 31.19 6.58 16.01
C LEU B 225 30.53 5.25 16.39
N TYR B 226 30.96 4.14 15.79
CA TYR B 226 30.41 2.85 16.19
C TYR B 226 30.68 2.56 17.67
N GLN B 227 31.90 2.88 18.11
CA GLN B 227 32.30 2.69 19.50
C GLN B 227 31.52 3.63 20.42
N ILE B 228 31.41 4.90 20.03
CA ILE B 228 30.57 5.83 20.77
C ILE B 228 29.17 5.24 20.99
N ILE B 229 28.54 4.80 19.89
CA ILE B 229 27.22 4.16 19.94
C ILE B 229 27.18 2.96 20.89
N LEU B 230 28.17 2.06 20.79
CA LEU B 230 28.26 0.88 21.68
C LEU B 230 28.31 1.27 23.14
N LYS B 231 29.17 2.22 23.47
CA LYS B 231 29.33 2.71 24.83
C LYS B 231 28.06 3.39 25.35
N ALA B 232 27.41 4.18 24.49
CA ALA B 232 26.16 4.85 24.85
C ALA B 232 25.05 3.86 25.21
N LEU B 233 24.94 2.79 24.43
CA LEU B 233 23.91 1.78 24.66
C LEU B 233 24.09 1.00 25.96
N GLU B 234 25.30 0.49 26.20
CA GLU B 234 25.54 -0.28 27.43
C GLU B 234 25.41 0.60 28.68
N ARG B 235 25.83 1.86 28.56
CA ARG B 235 25.68 2.90 29.58
C ARG B 235 24.19 3.18 29.90
N GLY B 236 23.31 2.82 28.96
CA GLY B 236 21.88 3.00 29.14
C GLY B 236 21.41 4.38 28.71
N SER B 237 22.15 5.00 27.80
CA SER B 237 21.69 6.23 27.17
C SER B 237 20.56 5.96 26.17
N LEU B 238 19.94 7.04 25.71
CA LEU B 238 18.82 6.96 24.77
C LEU B 238 19.27 7.44 23.40
N LEU B 239 19.18 6.56 22.41
CA LEU B 239 19.68 6.84 21.08
C LEU B 239 18.54 6.86 20.07
N GLY B 240 18.60 7.83 19.16
CA GLY B 240 17.62 7.98 18.09
C GLY B 240 18.26 8.43 16.80
N CYS B 241 17.62 8.11 15.67
CA CYS B 241 18.15 8.52 14.36
C CYS B 241 17.04 8.87 13.35
N SER B 242 17.37 9.72 12.40
CA SER B 242 16.44 10.17 11.37
C SER B 242 17.14 10.43 10.05
N ILE B 243 16.35 10.46 8.97
CA ILE B 243 16.80 10.83 7.64
C ILE B 243 16.18 12.19 7.31
N ASP B 244 16.94 13.05 6.65
CA ASP B 244 16.40 14.33 6.18
C ASP B 244 15.22 14.11 5.23
N ILE B 245 14.17 14.92 5.41
CA ILE B 245 13.07 15.02 4.45
C ILE B 245 13.65 15.30 3.06
N SER B 246 13.07 14.71 2.02
CA SER B 246 13.53 14.96 0.66
C SER B 246 13.39 16.43 0.26
N SER B 247 14.34 16.91 -0.52
CA SER B 247 14.30 18.27 -1.06
C SER B 247 13.40 18.33 -2.29
N VAL B 248 13.18 17.18 -2.91
CA VAL B 248 12.36 17.06 -4.12
C VAL B 248 10.89 17.32 -3.80
N LEU B 249 10.25 18.16 -4.61
CA LEU B 249 8.84 18.48 -4.44
C LEU B 249 7.96 17.26 -4.72
N ASP B 250 6.97 17.04 -3.86
CA ASP B 250 5.96 15.98 -4.05
C ASP B 250 6.48 14.53 -3.91
N MET B 251 7.73 14.39 -3.49
CA MET B 251 8.33 13.10 -3.22
C MET B 251 7.75 12.47 -1.95
N GLU B 252 7.45 11.18 -2.02
CA GLU B 252 6.96 10.44 -0.84
C GLU B 252 8.03 10.30 0.23
N ALA B 253 7.63 9.92 1.44
CA ALA B 253 8.56 9.80 2.56
C ALA B 253 9.31 8.45 2.59
N ILE B 254 8.74 7.43 1.97
CA ILE B 254 9.28 6.08 2.04
C ILE B 254 10.24 5.75 0.89
N THR B 255 11.41 5.24 1.25
CA THR B 255 12.47 4.90 0.30
C THR B 255 12.18 3.54 -0.31
N PHE B 256 12.92 3.20 -1.37
CA PHE B 256 12.76 1.90 -2.03
C PHE B 256 13.05 0.75 -1.07
N LYS B 257 14.05 0.94 -0.22
CA LYS B 257 14.39 -0.09 0.77
C LYS B 257 13.55 0.06 2.06
N LYS B 258 12.47 0.82 1.94
CA LYS B 258 11.41 0.92 2.97
C LYS B 258 11.87 1.60 4.26
N LEU B 259 12.75 2.59 4.12
CA LEU B 259 13.07 3.50 5.20
C LEU B 259 12.14 4.71 5.12
N VAL B 260 11.83 5.31 6.27
CA VAL B 260 10.92 6.46 6.29
C VAL B 260 11.68 7.75 6.56
N LYS B 261 11.71 8.63 5.56
CA LYS B 261 12.37 9.92 5.68
C LYS B 261 11.56 10.86 6.57
N GLY B 262 12.26 11.76 7.27
CA GLY B 262 11.61 12.71 8.18
C GLY B 262 10.82 12.05 9.30
N HIS B 263 11.36 10.96 9.83
CA HIS B 263 10.70 10.14 10.83
C HIS B 263 11.74 9.69 11.87
N ALA B 264 11.34 9.68 13.15
CA ALA B 264 12.23 9.29 14.25
C ALA B 264 12.28 7.78 14.48
N TYR B 265 13.50 7.24 14.55
CA TYR B 265 13.72 5.82 14.87
C TYR B 265 14.43 5.74 16.19
N SER B 266 14.20 4.68 16.96
CA SER B 266 15.04 4.40 18.13
C SER B 266 16.23 3.54 17.70
N VAL B 267 17.44 3.88 18.13
CA VAL B 267 18.56 2.94 17.99
C VAL B 267 18.55 1.99 19.19
N THR B 268 18.24 0.72 18.96
CA THR B 268 18.02 -0.22 20.07
C THR B 268 19.09 -1.32 20.24
N GLY B 269 20.20 -1.18 19.52
CA GLY B 269 21.18 -2.25 19.48
C GLY B 269 22.40 -1.97 18.63
N ALA B 270 23.44 -2.77 18.86
CA ALA B 270 24.71 -2.68 18.15
C ALA B 270 25.51 -3.91 18.53
N LYS B 271 25.76 -4.78 17.55
CA LYS B 271 26.60 -5.93 17.77
C LYS B 271 27.52 -6.15 16.57
N GLN B 272 28.67 -6.77 16.82
CA GLN B 272 29.55 -7.18 15.74
C GLN B 272 29.37 -8.64 15.45
N VAL B 273 29.56 -9.01 14.20
CA VAL B 273 29.25 -10.35 13.76
C VAL B 273 30.40 -10.94 12.93
N ASN B 274 30.66 -12.23 13.10
CA ASN B 274 31.64 -12.95 12.30
C ASN B 274 31.00 -13.30 10.98
N TYR B 275 31.42 -12.60 9.92
CA TYR B 275 30.82 -12.76 8.60
C TYR B 275 31.90 -12.95 7.53
N ARG B 276 31.82 -14.07 6.82
CA ARG B 276 32.78 -14.45 5.75
C ARG B 276 34.23 -14.28 6.23
N GLY B 277 34.49 -14.80 7.44
CA GLY B 277 35.81 -14.77 8.08
C GLY B 277 36.22 -13.39 8.54
N GLN B 278 35.28 -12.44 8.44
CA GLN B 278 35.55 -11.05 8.80
C GLN B 278 34.65 -10.63 9.93
N VAL B 279 34.91 -9.44 10.46
CA VAL B 279 34.10 -8.87 11.51
C VAL B 279 33.27 -7.74 10.90
N VAL B 280 31.95 -7.92 10.85
CA VAL B 280 31.03 -6.89 10.36
C VAL B 280 30.23 -6.26 11.51
N SER B 281 30.24 -4.93 11.59
CA SER B 281 29.50 -4.17 12.60
C SER B 281 28.04 -3.93 12.19
N LEU B 282 27.11 -4.43 13.01
CA LEU B 282 25.68 -4.23 12.81
C LEU B 282 25.03 -3.21 13.78
N ILE B 283 23.92 -2.63 13.35
CA ILE B 283 23.15 -1.71 14.19
C ILE B 283 21.66 -2.01 14.13
N ARG B 284 20.98 -1.98 15.28
CA ARG B 284 19.55 -2.32 15.34
C ARG B 284 18.69 -1.09 15.60
N MET B 285 17.55 -1.05 14.92
CA MET B 285 16.71 0.14 14.85
C MET B 285 15.27 -0.25 15.01
N ARG B 286 14.48 0.65 15.59
CA ARG B 286 13.04 0.41 15.64
C ARG B 286 12.21 1.60 15.16
N ASN B 287 11.38 1.31 14.18
CA ASN B 287 10.34 2.21 13.75
C ASN B 287 9.22 2.22 14.83
N PRO B 288 8.96 3.41 15.44
CA PRO B 288 7.92 3.55 16.48
C PRO B 288 6.52 3.18 16.00
N TRP B 289 6.34 3.06 14.67
CA TRP B 289 5.09 2.56 14.09
C TRP B 289 4.86 1.14 14.54
N GLY B 290 5.94 0.44 14.86
CA GLY B 290 5.88 -0.99 15.12
C GLY B 290 5.64 -1.81 13.86
N GLU B 291 5.99 -1.24 12.69
CA GLU B 291 5.81 -1.85 11.38
C GLU B 291 6.57 -1.03 10.35
N VAL B 292 6.72 -1.59 9.13
CA VAL B 292 7.45 -0.97 8.00
C VAL B 292 8.95 -0.95 8.29
N GLU B 293 9.64 -1.94 7.72
CA GLU B 293 11.06 -2.12 8.03
C GLU B 293 11.93 -2.14 6.77
N TRP B 294 13.16 -1.68 6.94
CA TRP B 294 14.26 -1.90 6.01
C TRP B 294 14.20 -3.28 5.35
N THR B 295 14.41 -3.30 4.04
CA THR B 295 14.41 -4.54 3.26
C THR B 295 15.80 -4.92 2.73
N GLY B 296 16.81 -4.13 3.07
CA GLY B 296 18.16 -4.34 2.55
C GLY B 296 18.94 -5.39 3.32
N ALA B 297 20.26 -5.32 3.20
CA ALA B 297 21.14 -6.29 3.80
C ALA B 297 20.91 -6.32 5.32
N TRP B 298 20.86 -7.54 5.86
CA TRP B 298 20.68 -7.80 7.28
C TRP B 298 19.23 -7.63 7.78
N SER B 299 18.31 -7.36 6.86
CA SER B 299 16.89 -7.28 7.19
C SER B 299 16.42 -8.67 7.64
N ASP B 300 15.25 -8.75 8.26
CA ASP B 300 14.78 -9.98 8.90
C ASP B 300 15.00 -11.21 8.05
N SER B 301 14.58 -11.14 6.78
CA SER B 301 14.60 -12.28 5.88
C SER B 301 15.75 -12.28 4.86
N SER B 302 16.74 -11.42 5.06
CA SER B 302 17.83 -11.30 4.11
C SER B 302 18.85 -12.44 4.24
N SER B 303 19.61 -12.65 3.16
CA SER B 303 20.52 -13.80 3.06
C SER B 303 21.81 -13.69 3.87
N GLU B 304 22.20 -12.48 4.27
CA GLU B 304 23.40 -12.33 5.09
C GLU B 304 23.39 -13.22 6.33
N TRP B 305 22.19 -13.45 6.89
CA TRP B 305 22.03 -14.29 8.09
C TRP B 305 22.41 -15.75 7.82
N ASN B 306 22.36 -16.16 6.56
CA ASN B 306 22.79 -17.52 6.18
C ASN B 306 24.29 -17.76 6.36
N ASN B 307 25.06 -16.68 6.45
CA ASN B 307 26.52 -16.77 6.49
C ASN B 307 27.15 -16.43 7.84
N VAL B 308 26.34 -16.38 8.89
CA VAL B 308 26.87 -16.15 10.24
C VAL B 308 26.67 -17.42 11.06
N ASP B 309 27.48 -17.59 12.10
CA ASP B 309 27.33 -18.75 13.00
C ASP B 309 25.87 -18.89 13.43
N PRO B 310 25.31 -20.11 13.37
CA PRO B 310 23.90 -20.30 13.71
C PRO B 310 23.51 -19.77 15.09
N TYR B 311 24.44 -19.80 16.05
CA TYR B 311 24.15 -19.29 17.38
C TYR B 311 24.09 -17.76 17.41
N GLU B 312 25.07 -17.08 16.81
CA GLU B 312 25.03 -15.62 16.61
C GLU B 312 23.68 -15.20 15.99
N ARG B 313 23.31 -15.93 14.93
CA ARG B 313 22.10 -15.69 14.15
C ARG B 313 20.83 -15.69 15.00
N ASP B 314 20.67 -16.71 15.85
CA ASP B 314 19.49 -16.85 16.70
C ASP B 314 19.45 -15.87 17.88
N GLN B 315 20.62 -15.42 18.32
CA GLN B 315 20.70 -14.46 19.39
C GLN B 315 20.39 -13.02 18.93
N LEU B 316 20.34 -12.81 17.61
CA LEU B 316 20.27 -11.46 17.04
C LEU B 316 19.07 -11.23 16.12
N ARG B 317 18.84 -12.18 15.21
CA ARG B 317 17.82 -12.04 14.19
C ARG B 317 16.44 -12.59 14.60
N VAL B 318 15.41 -11.74 14.50
CA VAL B 318 14.01 -12.12 14.76
C VAL B 318 13.15 -11.88 13.52
N LYS B 319 12.54 -12.95 13.02
CA LYS B 319 11.64 -12.85 11.87
C LYS B 319 10.26 -12.40 12.35
N MET B 320 10.08 -11.09 12.44
CA MET B 320 8.83 -10.51 12.93
C MET B 320 8.66 -9.11 12.37
N GLU B 321 7.50 -8.85 11.77
CA GLU B 321 7.16 -7.48 11.37
C GLU B 321 6.78 -6.69 12.63
N ASP B 322 7.78 -6.05 13.24
CA ASP B 322 7.62 -5.42 14.54
C ASP B 322 8.22 -4.01 14.56
N GLY B 323 8.53 -3.48 13.37
CA GLY B 323 9.21 -2.19 13.22
C GLY B 323 10.71 -2.27 13.48
N GLU B 324 11.17 -3.37 14.06
CA GLU B 324 12.59 -3.49 14.42
C GLU B 324 13.39 -4.33 13.41
N PHE B 325 14.57 -3.81 13.07
CA PHE B 325 15.43 -4.45 12.07
C PHE B 325 16.91 -4.14 12.30
N TRP B 326 17.76 -5.01 11.76
CA TRP B 326 19.20 -4.78 11.72
C TRP B 326 19.65 -4.15 10.40
N MET B 327 20.72 -3.36 10.47
CA MET B 327 21.42 -2.86 9.29
C MET B 327 22.90 -2.99 9.59
N SER B 328 23.74 -3.05 8.56
CA SER B 328 25.17 -2.94 8.78
C SER B 328 25.45 -1.48 9.13
N PHE B 329 26.46 -1.23 9.95
CA PHE B 329 26.79 0.14 10.30
C PHE B 329 27.11 0.98 9.04
N ARG B 330 27.60 0.33 7.99
CA ARG B 330 27.89 1.00 6.73
C ARG B 330 26.64 1.47 6.00
N ASP B 331 25.64 0.62 5.91
CA ASP B 331 24.38 1.00 5.30
C ASP B 331 23.67 2.07 6.10
N PHE B 332 23.76 1.96 7.42
CA PHE B 332 23.24 2.96 8.35
C PHE B 332 23.80 4.35 8.08
N MET B 333 25.13 4.43 7.95
CA MET B 333 25.82 5.68 7.63
C MET B 333 25.50 6.24 6.25
N ARG B 334 25.16 5.37 5.30
CA ARG B 334 24.76 5.79 3.94
C ARG B 334 23.33 6.33 3.93
N GLU B 335 22.44 5.65 4.65
CA GLU B 335 21.01 5.95 4.63
C GLU B 335 20.58 7.06 5.59
N PHE B 336 20.95 6.94 6.86
CA PHE B 336 20.59 7.94 7.86
C PHE B 336 21.48 9.16 7.82
N THR B 337 20.95 10.29 8.31
CA THR B 337 21.67 11.55 8.21
C THR B 337 22.07 12.10 9.59
N ARG B 338 21.26 11.82 10.59
CA ARG B 338 21.44 12.39 11.91
C ARG B 338 21.32 11.31 12.99
N LEU B 339 22.21 11.38 13.97
CA LEU B 339 22.14 10.55 15.18
C LEU B 339 22.10 11.43 16.43
N GLU B 340 21.27 11.04 17.39
CA GLU B 340 21.18 11.77 18.65
C GLU B 340 21.33 10.85 19.85
N ILE B 341 22.10 11.30 20.84
CA ILE B 341 22.26 10.55 22.08
C ILE B 341 21.86 11.42 23.27
N CYS B 342 20.86 10.97 24.00
CA CYS B 342 20.41 11.66 25.21
C CYS B 342 20.97 10.97 26.42
N ASN B 343 21.81 11.69 27.16
CA ASN B 343 22.45 11.17 28.35
C ASN B 343 21.69 11.55 29.62
N LEU B 344 21.82 10.71 30.64
CA LEU B 344 21.18 10.99 31.94
C LEU B 344 22.07 11.87 32.83
N THR B 345 21.49 12.37 33.92
CA THR B 345 22.22 13.13 34.93
C THR B 345 22.78 12.21 36.00
#